data_7P1Z
#
_entry.id   7P1Z
#
_cell.length_a   46.094
_cell.length_b   118.364
_cell.length_c   125.702
_cell.angle_alpha   90.000
_cell.angle_beta   90.000
_cell.angle_gamma   90.000
#
_symmetry.space_group_name_H-M   'P 2 21 21'
#
loop_
_entity.id
_entity.type
_entity.pdbx_description
1 polymer 'Glycoside hydrolase'
2 non-polymer 'ACETATE ION'
3 non-polymer DI(HYDROXYETHYL)ETHER
4 non-polymer 'POTASSIUM ION'
5 water water
#
_entity_poly.entity_id   1
_entity_poly.type   'polypeptide(L)'
_entity_poly.pdbx_seq_one_letter_code
;EAEFQSQSLCAQYASYTGSTYGLNNNLWGEASGSGSQCTYLNSASSSSINWYTTWTWSGNANEVKSYANSQLLSFTKKYV
SNIGSIPTTAQWSLSNTGVNADVAYDLFTSSNINHVTYSGDYELMIWLGRYGSIQPIGSQIATATIAGYTWEVWYGGSSS
QWTYSYVASSPITSFSGDIIDFFHDMTNNHGFPASSQYLIDLQFGTEPFTGGPTTLTVSSWSASVNLDHHHHHH
;
_entity_poly.pdbx_strand_id   B,C,A
#
# COMPACT_ATOMS: atom_id res chain seq x y z
N SER A 6 11.84 -8.90 6.70
CA SER A 6 11.72 -9.57 8.04
C SER A 6 10.40 -9.22 8.76
N GLN A 7 9.37 -8.78 8.00
CA GLN A 7 8.16 -8.14 8.51
C GLN A 7 7.27 -9.09 9.32
N SER A 8 6.49 -8.52 10.24
CA SER A 8 5.62 -9.23 11.16
C SER A 8 4.14 -8.98 10.85
N LEU A 9 3.38 -10.04 10.58
CA LEU A 9 1.94 -9.94 10.37
C LEU A 9 1.19 -10.60 11.52
N CYS A 10 0.66 -9.78 12.43
CA CYS A 10 0.06 -10.32 13.65
C CYS A 10 -1.44 -10.08 13.75
N ALA A 11 -1.94 -9.02 13.09
CA ALA A 11 -3.37 -8.75 13.08
C ALA A 11 -4.13 -9.85 12.33
N GLN A 12 -5.43 -9.98 12.58
CA GLN A 12 -6.22 -11.05 11.99
C GLN A 12 -5.98 -11.13 10.48
N TYR A 13 -5.98 -9.99 9.79
CA TYR A 13 -5.86 -10.03 8.34
C TYR A 13 -4.65 -9.27 7.82
N ALA A 14 -3.58 -9.23 8.63
CA ALA A 14 -2.37 -8.57 8.21
C ALA A 14 -1.79 -9.31 7.00
N SER A 15 -1.35 -8.56 5.99
CA SER A 15 -0.85 -9.21 4.78
C SER A 15 0.36 -8.49 4.23
N TYR A 16 1.13 -9.19 3.40
CA TYR A 16 2.21 -8.58 2.68
C TYR A 16 1.97 -8.86 1.21
N THR A 17 2.13 -7.82 0.39
CA THR A 17 1.97 -8.00 -1.04
C THR A 17 3.31 -7.77 -1.69
N GLY A 18 3.96 -8.84 -2.14
CA GLY A 18 5.23 -8.70 -2.84
C GLY A 18 4.96 -8.54 -4.33
N SER A 19 6.02 -8.57 -5.13
CA SER A 19 5.87 -8.44 -6.57
C SER A 19 5.30 -9.73 -7.15
N THR A 20 5.67 -10.88 -6.58
CA THR A 20 5.26 -12.18 -7.08
C THR A 20 4.42 -12.93 -6.04
N TYR A 21 4.85 -12.86 -4.78
CA TYR A 21 4.19 -13.62 -3.73
C TYR A 21 3.59 -12.68 -2.70
N GLY A 22 2.51 -13.13 -2.07
CA GLY A 22 2.00 -12.50 -0.88
C GLY A 22 2.14 -13.42 0.31
N LEU A 23 1.95 -12.84 1.51
CA LEU A 23 1.96 -13.57 2.75
C LEU A 23 0.79 -13.06 3.59
N ASN A 24 0.06 -13.97 4.24
CA ASN A 24 -1.18 -13.58 4.89
C ASN A 24 -1.26 -14.28 6.25
N ASN A 25 -1.63 -13.53 7.27
CA ASN A 25 -1.75 -14.12 8.60
C ASN A 25 -3.06 -14.90 8.60
N ASN A 26 -4.11 -14.26 8.08
CA ASN A 26 -5.37 -14.88 7.73
C ASN A 26 -5.97 -15.68 8.89
N LEU A 27 -6.14 -15.04 10.04
CA LEU A 27 -6.73 -15.71 11.20
C LEU A 27 -8.25 -15.75 11.04
N TRP A 28 -8.73 -16.36 9.95
CA TRP A 28 -10.12 -16.19 9.59
C TRP A 28 -11.05 -16.81 10.64
N GLY A 29 -10.58 -17.80 11.40
CA GLY A 29 -11.47 -18.49 12.32
C GLY A 29 -11.13 -18.18 13.76
N GLU A 30 -10.51 -17.01 14.02
CA GLU A 30 -10.07 -16.68 15.36
C GLU A 30 -11.22 -16.62 16.36
N ALA A 31 -12.41 -16.25 15.91
CA ALA A 31 -13.53 -16.10 16.82
C ALA A 31 -13.88 -17.46 17.43
N SER A 32 -13.42 -18.54 16.76
CA SER A 32 -13.72 -19.92 17.09
C SER A 32 -12.92 -20.43 18.28
N GLY A 33 -11.91 -19.67 18.72
CA GLY A 33 -11.23 -20.17 19.90
C GLY A 33 -10.41 -19.12 20.63
N SER A 34 -9.51 -19.59 21.49
CA SER A 34 -8.61 -18.69 22.18
C SER A 34 -7.19 -18.95 21.71
N GLY A 35 -6.51 -17.88 21.30
CA GLY A 35 -5.08 -18.01 21.14
C GLY A 35 -4.51 -16.87 20.34
N SER A 36 -3.40 -17.15 19.66
CA SER A 36 -2.67 -16.07 19.05
C SER A 36 -1.76 -16.66 17.97
N GLN A 37 -1.51 -15.85 16.95
CA GLN A 37 -0.76 -16.32 15.81
C GLN A 37 -0.20 -15.10 15.09
N CYS A 38 1.08 -15.16 14.76
CA CYS A 38 1.71 -14.16 13.91
C CYS A 38 2.42 -14.89 12.78
N THR A 39 2.52 -14.21 11.65
CA THR A 39 3.21 -14.75 10.50
C THR A 39 4.31 -13.79 10.12
N TYR A 40 5.46 -14.31 9.71
CA TYR A 40 6.64 -13.47 9.57
C TYR A 40 7.23 -13.64 8.19
N LEU A 41 7.42 -12.51 7.50
CA LEU A 41 8.15 -12.61 6.25
C LEU A 41 9.62 -12.69 6.59
N ASN A 42 10.30 -13.71 6.04
CA ASN A 42 11.74 -13.71 5.99
C ASN A 42 12.14 -12.89 4.79
N SER A 43 12.04 -13.46 3.59
CA SER A 43 12.24 -12.68 2.38
C SER A 43 11.29 -13.15 1.30
N ALA A 44 11.00 -12.26 0.35
CA ALA A 44 10.20 -12.56 -0.81
C ALA A 44 10.98 -12.02 -1.99
N SER A 45 10.98 -12.77 -3.09
CA SER A 45 11.60 -12.33 -4.32
C SER A 45 10.71 -12.74 -5.47
N SER A 46 11.26 -12.71 -6.68
CA SER A 46 10.46 -13.13 -7.81
C SER A 46 10.51 -14.65 -7.91
N SER A 47 11.53 -15.25 -7.28
CA SER A 47 11.80 -16.68 -7.32
C SER A 47 11.12 -17.45 -6.18
N SER A 48 10.98 -16.85 -5.00
CA SER A 48 10.40 -17.59 -3.89
C SER A 48 10.11 -16.68 -2.71
N ILE A 49 9.49 -17.31 -1.70
CA ILE A 49 9.18 -16.62 -0.46
C ILE A 49 9.50 -17.58 0.68
N ASN A 50 10.01 -17.00 1.77
CA ASN A 50 10.51 -17.73 2.92
C ASN A 50 9.86 -17.05 4.11
N TRP A 51 9.17 -17.82 4.94
CA TRP A 51 8.37 -17.24 5.99
C TRP A 51 8.19 -18.28 7.09
N TYR A 52 7.56 -17.85 8.16
CA TYR A 52 7.15 -18.80 9.17
C TYR A 52 5.95 -18.22 9.91
N THR A 53 5.27 -19.08 10.66
CA THR A 53 4.13 -18.66 11.44
C THR A 53 4.18 -19.43 12.75
N THR A 54 3.83 -18.76 13.84
CA THR A 54 3.83 -19.33 15.18
C THR A 54 2.44 -19.19 15.77
N TRP A 55 1.92 -20.26 16.39
CA TRP A 55 0.57 -20.15 16.87
C TRP A 55 0.35 -21.00 18.11
N THR A 56 -0.64 -20.61 18.89
CA THR A 56 -1.24 -21.42 19.94
C THR A 56 -2.76 -21.23 19.82
N TRP A 57 -3.50 -22.34 19.69
CA TRP A 57 -4.94 -22.26 19.60
C TRP A 57 -5.55 -23.29 20.52
N SER A 58 -6.61 -22.87 21.21
CA SER A 58 -7.40 -23.79 22.00
C SER A 58 -8.89 -23.49 21.78
N GLY A 59 -9.70 -24.51 22.08
CA GLY A 59 -11.16 -24.41 21.97
C GLY A 59 -11.68 -24.82 20.59
N ASN A 60 -12.92 -25.32 20.57
CA ASN A 60 -13.60 -25.77 19.36
C ASN A 60 -12.63 -26.59 18.51
N ALA A 61 -12.29 -27.78 19.00
CA ALA A 61 -11.27 -28.63 18.37
C ALA A 61 -11.58 -28.94 16.91
N ASN A 62 -12.85 -28.83 16.51
CA ASN A 62 -13.19 -29.28 15.16
C ASN A 62 -13.17 -28.12 14.16
N GLU A 63 -12.90 -26.90 14.63
CA GLU A 63 -13.00 -25.73 13.78
C GLU A 63 -11.60 -25.18 13.49
N VAL A 64 -11.31 -24.97 12.20
CA VAL A 64 -10.07 -24.35 11.78
C VAL A 64 -10.04 -22.92 12.32
N LYS A 65 -8.88 -22.51 12.82
CA LYS A 65 -8.77 -21.20 13.44
C LYS A 65 -8.19 -20.19 12.46
N SER A 66 -7.47 -20.68 11.42
CA SER A 66 -6.76 -19.79 10.53
C SER A 66 -6.20 -20.56 9.34
N TYR A 67 -5.64 -19.80 8.40
CA TYR A 67 -4.94 -20.39 7.29
C TYR A 67 -3.88 -19.38 6.84
N ALA A 68 -2.87 -19.21 7.70
CA ALA A 68 -1.72 -18.41 7.33
C ALA A 68 -1.11 -19.06 6.09
N ASN A 69 -0.72 -18.23 5.12
CA ASN A 69 -0.30 -18.80 3.86
C ASN A 69 0.56 -17.80 3.10
N SER A 70 1.47 -18.35 2.31
CA SER A 70 2.00 -17.62 1.19
C SER A 70 1.13 -17.91 -0.04
N GLN A 71 1.13 -16.95 -0.97
CA GLN A 71 0.19 -16.95 -2.08
C GLN A 71 0.92 -16.48 -3.33
N LEU A 72 0.65 -17.15 -4.46
CA LEU A 72 1.20 -16.66 -5.71
C LEU A 72 0.22 -15.62 -6.23
N LEU A 73 0.73 -14.39 -6.35
CA LEU A 73 -0.07 -13.26 -6.81
C LEU A 73 0.15 -13.08 -8.30
N SER A 74 1.33 -13.46 -8.78
CA SER A 74 1.70 -13.12 -10.13
C SER A 74 1.44 -14.31 -11.07
N PHE A 75 0.21 -14.41 -11.57
CA PHE A 75 -0.13 -15.41 -12.58
C PHE A 75 -1.39 -14.99 -13.30
N THR A 76 -1.59 -15.47 -14.53
CA THR A 76 -2.80 -15.15 -15.25
C THR A 76 -3.83 -16.26 -14.98
N LYS A 77 -5.07 -15.85 -14.67
CA LYS A 77 -6.17 -16.78 -14.57
C LYS A 77 -6.50 -17.37 -15.94
N LYS A 78 -6.36 -18.70 -16.05
CA LYS A 78 -6.61 -19.42 -17.29
C LYS A 78 -7.47 -20.62 -16.94
N TYR A 79 -8.18 -21.16 -17.95
CA TYR A 79 -8.80 -22.47 -17.85
C TYR A 79 -7.72 -23.50 -17.52
N VAL A 80 -8.04 -24.39 -16.58
CA VAL A 80 -7.08 -25.39 -16.14
C VAL A 80 -6.57 -26.19 -17.34
N SER A 81 -7.47 -26.46 -18.31
CA SER A 81 -7.11 -27.21 -19.51
C SER A 81 -6.04 -26.48 -20.32
N ASN A 82 -5.88 -25.16 -20.15
CA ASN A 82 -4.93 -24.37 -20.91
C ASN A 82 -3.63 -24.12 -20.16
N ILE A 83 -3.51 -24.71 -18.96
CA ILE A 83 -2.28 -24.54 -18.20
C ILE A 83 -1.39 -25.72 -18.52
N GLY A 84 -0.18 -25.41 -18.96
CA GLY A 84 0.82 -26.42 -19.26
C GLY A 84 1.41 -27.03 -17.99
N SER A 85 1.83 -26.19 -17.04
CA SER A 85 2.43 -26.71 -15.82
C SER A 85 2.26 -25.72 -14.67
N ILE A 86 2.22 -26.28 -13.46
CA ILE A 86 2.22 -25.48 -12.25
C ILE A 86 3.34 -26.00 -11.35
N PRO A 87 4.63 -25.74 -11.70
CA PRO A 87 5.74 -26.25 -10.90
C PRO A 87 5.67 -25.54 -9.57
N THR A 88 5.97 -26.27 -8.50
CA THR A 88 5.94 -25.71 -7.16
C THR A 88 6.99 -26.41 -6.33
N THR A 89 7.54 -25.73 -5.33
CA THR A 89 8.36 -26.40 -4.35
C THR A 89 7.97 -25.87 -2.97
N ALA A 90 8.03 -26.74 -1.97
CA ALA A 90 7.78 -26.35 -0.58
C ALA A 90 8.82 -27.07 0.28
N GLN A 91 9.61 -26.32 1.04
CA GLN A 91 10.55 -26.86 2.00
C GLN A 91 10.13 -26.25 3.32
N TRP A 92 9.73 -27.10 4.29
CA TRP A 92 9.14 -26.60 5.52
C TRP A 92 9.46 -27.55 6.67
N SER A 93 9.25 -27.07 7.90
CA SER A 93 9.27 -27.94 9.06
C SER A 93 8.28 -27.40 10.10
N LEU A 94 7.92 -28.27 11.04
CA LEU A 94 7.02 -27.90 12.12
C LEU A 94 7.71 -28.24 13.43
N SER A 95 7.91 -27.25 14.31
CA SER A 95 8.76 -27.42 15.49
C SER A 95 8.07 -28.25 16.57
N ASN A 96 6.75 -28.21 16.62
CA ASN A 96 6.02 -29.01 17.60
C ASN A 96 4.89 -29.75 16.89
N THR A 97 4.99 -31.09 16.83
CA THR A 97 4.06 -31.92 16.08
C THR A 97 2.85 -32.27 16.94
N GLY A 98 2.89 -31.88 18.21
CA GLY A 98 1.81 -32.23 19.14
C GLY A 98 0.62 -31.28 19.00
N VAL A 99 0.12 -31.14 17.76
CA VAL A 99 -0.96 -30.22 17.47
C VAL A 99 -1.93 -30.93 16.52
N ASN A 100 -3.10 -30.33 16.33
CA ASN A 100 -4.03 -30.79 15.32
C ASN A 100 -4.00 -29.74 14.22
N ALA A 101 -3.37 -30.09 13.09
CA ALA A 101 -3.15 -29.14 12.02
C ALA A 101 -2.81 -29.87 10.73
N ASP A 102 -3.13 -29.24 9.59
CA ASP A 102 -2.56 -29.71 8.34
C ASP A 102 -1.60 -28.66 7.80
N VAL A 103 -0.73 -29.08 6.91
CA VAL A 103 0.10 -28.20 6.12
C VAL A 103 -0.27 -28.52 4.68
N ALA A 104 -0.77 -27.53 3.93
CA ALA A 104 -1.52 -27.82 2.73
C ALA A 104 -1.44 -26.68 1.70
N TYR A 105 -1.34 -27.10 0.43
CA TYR A 105 -1.70 -26.25 -0.69
C TYR A 105 -3.22 -26.08 -0.71
N ASP A 106 -3.67 -24.88 -1.09
CA ASP A 106 -5.08 -24.63 -1.31
C ASP A 106 -5.21 -23.90 -2.65
N LEU A 107 -6.00 -24.47 -3.56
CA LEU A 107 -6.27 -23.85 -4.85
C LEU A 107 -7.77 -23.84 -5.09
N PHE A 108 -8.23 -22.80 -5.81
CA PHE A 108 -9.63 -22.74 -6.19
C PHE A 108 -9.74 -22.56 -7.70
N THR A 109 -10.82 -23.11 -8.25
CA THR A 109 -11.19 -22.83 -9.63
C THR A 109 -12.62 -22.34 -9.67
N SER A 110 -12.95 -21.60 -10.73
CA SER A 110 -14.32 -21.21 -10.97
C SER A 110 -14.56 -21.04 -12.46
N SER A 111 -15.82 -21.25 -12.86
CA SER A 111 -16.21 -20.88 -14.21
C SER A 111 -16.22 -19.35 -14.35
N ASN A 112 -16.43 -18.66 -13.23
CA ASN A 112 -16.48 -17.21 -13.21
C ASN A 112 -15.09 -16.64 -12.89
N ILE A 113 -14.43 -16.02 -13.87
CA ILE A 113 -13.06 -15.55 -13.69
C ILE A 113 -12.98 -14.46 -12.61
N ASN A 114 -14.11 -13.86 -12.22
CA ASN A 114 -14.10 -12.81 -11.21
C ASN A 114 -14.68 -13.33 -9.89
N HIS A 115 -14.70 -14.65 -9.75
CA HIS A 115 -15.14 -15.25 -8.51
C HIS A 115 -14.21 -14.78 -7.39
N VAL A 116 -14.78 -14.61 -6.17
CA VAL A 116 -13.97 -14.39 -4.99
C VAL A 116 -12.88 -15.46 -4.93
N THR A 117 -11.65 -15.08 -4.55
CA THR A 117 -10.53 -16.00 -4.73
C THR A 117 -10.37 -16.95 -3.54
N TYR A 118 -11.28 -16.85 -2.57
CA TYR A 118 -11.17 -17.58 -1.32
C TYR A 118 -12.08 -18.80 -1.34
N SER A 119 -12.80 -19.00 -2.45
CA SER A 119 -13.55 -20.22 -2.68
C SER A 119 -13.73 -20.36 -4.19
N GLY A 120 -14.46 -21.40 -4.62
CA GLY A 120 -14.66 -21.63 -6.05
C GLY A 120 -15.71 -22.68 -6.31
N ASP A 121 -15.91 -23.00 -7.59
CA ASP A 121 -16.71 -24.17 -7.94
C ASP A 121 -15.95 -25.41 -7.46
N TYR A 122 -14.62 -25.39 -7.61
CA TYR A 122 -13.82 -26.50 -7.13
C TYR A 122 -12.69 -25.98 -6.26
N GLU A 123 -12.25 -26.85 -5.35
CA GLU A 123 -11.11 -26.61 -4.50
C GLU A 123 -10.21 -27.85 -4.58
N LEU A 124 -8.91 -27.62 -4.79
CA LEU A 124 -7.89 -28.65 -4.71
C LEU A 124 -6.96 -28.32 -3.54
N MET A 125 -6.89 -29.23 -2.56
CA MET A 125 -5.91 -29.13 -1.49
C MET A 125 -4.92 -30.28 -1.63
N ILE A 126 -3.67 -29.97 -1.28
CA ILE A 126 -2.63 -30.98 -1.23
C ILE A 126 -2.03 -30.87 0.16
N TRP A 127 -2.36 -31.85 1.03
CA TRP A 127 -1.86 -31.88 2.38
C TRP A 127 -0.48 -32.54 2.36
N LEU A 128 0.56 -31.71 2.48
CA LEU A 128 1.93 -32.19 2.60
C LEU A 128 2.17 -32.81 3.97
N GLY A 129 1.36 -32.40 4.95
CA GLY A 129 1.54 -32.83 6.32
C GLY A 129 0.22 -32.80 7.08
N ARG A 130 -0.01 -33.82 7.91
CA ARG A 130 -1.24 -33.93 8.69
C ARG A 130 -0.84 -34.37 10.09
N TYR A 131 -1.22 -33.58 11.09
CA TYR A 131 -0.90 -33.87 12.48
C TYR A 131 -2.20 -33.93 13.26
N GLY A 132 -2.39 -35.02 14.01
CA GLY A 132 -3.65 -35.17 14.72
C GLY A 132 -4.66 -35.85 13.81
N SER A 133 -5.72 -36.44 14.37
CA SER A 133 -6.62 -37.24 13.55
C SER A 133 -7.66 -36.33 12.88
N ILE A 134 -7.18 -35.47 12.01
CA ILE A 134 -8.06 -34.55 11.30
C ILE A 134 -8.26 -35.16 9.91
N GLN A 135 -9.34 -34.78 9.23
CA GLN A 135 -9.50 -35.30 7.90
C GLN A 135 -10.04 -34.24 6.95
N PRO A 136 -9.77 -34.39 5.65
CA PRO A 136 -10.31 -33.46 4.66
C PRO A 136 -11.83 -33.52 4.67
N ILE A 137 -12.42 -32.52 4.00
CA ILE A 137 -13.82 -32.50 3.58
C ILE A 137 -14.13 -33.82 2.89
N GLY A 138 -15.29 -34.41 3.22
CA GLY A 138 -15.80 -35.51 2.42
C GLY A 138 -15.28 -36.85 2.92
N SER A 139 -15.03 -37.76 1.97
CA SER A 139 -14.53 -39.09 2.27
C SER A 139 -13.42 -39.41 1.30
N GLN A 140 -12.64 -40.42 1.65
CA GLN A 140 -11.59 -40.87 0.77
C GLN A 140 -12.24 -41.69 -0.34
N ILE A 141 -11.92 -41.39 -1.60
CA ILE A 141 -12.60 -42.05 -2.72
C ILE A 141 -11.58 -42.83 -3.56
N ALA A 142 -10.29 -42.67 -3.31
CA ALA A 142 -9.30 -43.29 -4.17
C ALA A 142 -7.93 -43.11 -3.53
N THR A 143 -6.95 -43.79 -4.13
CA THR A 143 -5.54 -43.60 -3.88
C THR A 143 -4.91 -43.26 -5.23
N ALA A 144 -3.91 -42.39 -5.24
CA ALA A 144 -3.26 -42.04 -6.50
C ALA A 144 -1.76 -41.89 -6.25
N THR A 145 -0.98 -42.20 -7.27
CA THR A 145 0.45 -41.95 -7.23
C THR A 145 0.71 -40.73 -8.08
N ILE A 146 1.21 -39.65 -7.47
CA ILE A 146 1.42 -38.38 -8.18
C ILE A 146 2.67 -37.74 -7.60
N ALA A 147 3.52 -37.20 -8.48
CA ALA A 147 4.70 -36.46 -8.07
C ALA A 147 5.66 -37.34 -7.29
N GLY A 148 5.58 -38.64 -7.51
CA GLY A 148 6.46 -39.59 -6.84
C GLY A 148 5.99 -40.00 -5.45
N TYR A 149 4.73 -39.71 -5.08
CA TYR A 149 4.21 -40.10 -3.77
C TYR A 149 2.83 -40.72 -3.90
N THR A 150 2.40 -41.42 -2.84
CA THR A 150 1.07 -41.99 -2.80
C THR A 150 0.18 -41.10 -1.96
N TRP A 151 -1.03 -40.79 -2.43
CA TRP A 151 -1.93 -39.87 -1.77
C TRP A 151 -3.24 -40.58 -1.49
N GLU A 152 -3.83 -40.31 -0.34
CA GLU A 152 -5.25 -40.57 -0.20
C GLU A 152 -5.97 -39.48 -0.98
N VAL A 153 -7.01 -39.86 -1.74
CA VAL A 153 -7.77 -38.90 -2.54
C VAL A 153 -9.13 -38.75 -1.89
N TRP A 154 -9.39 -37.54 -1.38
CA TRP A 154 -10.63 -37.24 -0.67
C TRP A 154 -11.46 -36.32 -1.55
N TYR A 155 -12.78 -36.45 -1.39
CA TYR A 155 -13.69 -35.66 -2.17
C TYR A 155 -14.93 -35.44 -1.34
N GLY A 156 -15.46 -34.22 -1.43
CA GLY A 156 -16.73 -33.91 -0.82
C GLY A 156 -17.07 -32.44 -1.05
N GLY A 157 -18.07 -31.98 -0.31
CA GLY A 157 -18.51 -30.60 -0.45
C GLY A 157 -20.00 -30.56 -0.76
N SER A 158 -20.40 -29.65 -1.66
CA SER A 158 -21.76 -29.53 -2.16
C SER A 158 -21.69 -28.92 -3.55
N SER A 159 -22.87 -28.67 -4.14
CA SER A 159 -22.94 -28.07 -5.47
C SER A 159 -22.17 -26.75 -5.51
N SER A 160 -22.19 -25.99 -4.42
CA SER A 160 -21.52 -24.70 -4.51
C SER A 160 -20.00 -24.83 -4.46
N GLN A 161 -19.47 -25.92 -3.83
CA GLN A 161 -18.03 -26.11 -3.93
C GLN A 161 -17.66 -27.58 -3.71
N TRP A 162 -16.96 -28.16 -4.69
CA TRP A 162 -16.41 -29.49 -4.50
C TRP A 162 -14.92 -29.38 -4.19
N THR A 163 -14.50 -30.13 -3.16
CA THR A 163 -13.11 -30.13 -2.73
C THR A 163 -12.48 -31.49 -2.98
N TYR A 164 -11.39 -31.51 -3.75
CA TYR A 164 -10.49 -32.65 -3.81
C TYR A 164 -9.33 -32.37 -2.87
N SER A 165 -9.04 -33.28 -1.93
CA SER A 165 -7.87 -33.20 -1.08
C SER A 165 -6.97 -34.43 -1.32
N TYR A 166 -5.70 -34.21 -1.69
CA TYR A 166 -4.68 -35.25 -1.79
C TYR A 166 -3.86 -35.23 -0.50
N VAL A 167 -3.84 -36.35 0.23
CA VAL A 167 -3.29 -36.35 1.58
C VAL A 167 -2.09 -37.28 1.68
N ALA A 168 -0.96 -36.73 2.16
CA ALA A 168 0.26 -37.50 2.38
C ALA A 168 0.14 -38.19 3.74
N SER A 169 0.50 -39.47 3.81
CA SER A 169 0.47 -40.24 5.04
C SER A 169 1.47 -39.71 6.06
N SER A 170 2.72 -39.65 5.61
CA SER A 170 3.75 -39.14 6.48
C SER A 170 4.26 -37.85 5.84
N PRO A 171 4.63 -36.83 6.67
CA PRO A 171 4.86 -35.48 6.16
C PRO A 171 5.91 -35.40 5.06
N ILE A 172 5.62 -34.63 4.01
CA ILE A 172 6.57 -34.37 2.95
C ILE A 172 7.09 -32.96 3.18
N THR A 173 8.21 -32.87 3.90
CA THR A 173 8.70 -31.59 4.37
C THR A 173 9.58 -30.99 3.30
N SER A 174 9.88 -31.79 2.29
CA SER A 174 10.67 -31.28 1.18
C SER A 174 10.03 -31.74 -0.13
N PHE A 175 9.21 -30.89 -0.72
CA PHE A 175 8.32 -31.26 -1.81
C PHE A 175 8.65 -30.47 -3.07
N SER A 176 8.67 -31.17 -4.19
CA SER A 176 8.72 -30.56 -5.50
C SER A 176 7.79 -31.34 -6.41
N GLY A 177 6.93 -30.62 -7.13
CA GLY A 177 6.12 -31.31 -8.12
C GLY A 177 5.42 -30.33 -9.03
N ASP A 178 4.55 -30.87 -9.84
CA ASP A 178 3.75 -30.07 -10.75
C ASP A 178 2.30 -30.23 -10.31
N ILE A 179 1.66 -29.13 -9.92
CA ILE A 179 0.28 -29.21 -9.46
C ILE A 179 -0.66 -29.62 -10.60
N ILE A 180 -0.21 -29.41 -11.85
CA ILE A 180 -1.07 -29.74 -12.98
C ILE A 180 -1.34 -31.25 -12.97
N ASP A 181 -0.38 -32.06 -12.49
CA ASP A 181 -0.56 -33.52 -12.42
C ASP A 181 -1.72 -33.88 -11.51
N PHE A 182 -1.95 -33.09 -10.45
CA PHE A 182 -3.10 -33.33 -9.61
C PHE A 182 -4.37 -32.95 -10.37
N PHE A 183 -4.33 -31.85 -11.10
CA PHE A 183 -5.49 -31.48 -11.92
C PHE A 183 -5.76 -32.58 -12.96
N HIS A 184 -4.69 -33.10 -13.58
CA HIS A 184 -4.85 -34.17 -14.57
C HIS A 184 -5.54 -35.38 -13.95
N ASP A 185 -5.11 -35.74 -12.74
CA ASP A 185 -5.73 -36.83 -12.01
C ASP A 185 -7.22 -36.54 -11.85
N MET A 186 -7.56 -35.32 -11.47
CA MET A 186 -8.95 -34.96 -11.27
C MET A 186 -9.71 -35.03 -12.59
N THR A 187 -9.06 -34.61 -13.68
CA THR A 187 -9.67 -34.55 -15.01
C THR A 187 -9.90 -35.97 -15.56
N ASN A 188 -8.82 -36.75 -15.60
CA ASN A 188 -8.80 -38.07 -16.22
C ASN A 188 -9.61 -39.07 -15.40
N ASN A 189 -9.58 -38.96 -14.08
CA ASN A 189 -10.15 -40.03 -13.28
C ASN A 189 -11.43 -39.60 -12.57
N HIS A 190 -11.70 -38.28 -12.48
CA HIS A 190 -12.83 -37.82 -11.70
C HIS A 190 -13.67 -36.79 -12.47
N GLY A 191 -13.39 -36.63 -13.76
CA GLY A 191 -14.25 -35.85 -14.64
C GLY A 191 -14.25 -34.36 -14.33
N PHE A 192 -13.15 -33.84 -13.75
CA PHE A 192 -13.09 -32.42 -13.43
C PHE A 192 -13.08 -31.60 -14.71
N PRO A 193 -14.03 -30.63 -14.83
CA PRO A 193 -14.20 -29.89 -16.08
C PRO A 193 -13.11 -28.86 -16.35
N ALA A 194 -11.91 -29.33 -16.65
CA ALA A 194 -10.72 -28.49 -16.76
C ALA A 194 -10.90 -27.36 -17.76
N SER A 195 -11.71 -27.61 -18.78
CA SER A 195 -11.74 -26.64 -19.86
C SER A 195 -12.78 -25.55 -19.60
N SER A 196 -13.55 -25.68 -18.50
CA SER A 196 -14.47 -24.62 -18.17
C SER A 196 -14.25 -24.08 -16.74
N GLN A 197 -13.04 -24.27 -16.20
CA GLN A 197 -12.72 -23.81 -14.85
C GLN A 197 -11.41 -23.04 -14.88
N TYR A 198 -11.48 -21.78 -14.46
CA TYR A 198 -10.31 -20.92 -14.35
C TYR A 198 -9.65 -21.20 -13.01
N LEU A 199 -8.32 -21.28 -13.04
CA LEU A 199 -7.54 -21.31 -11.81
C LEU A 199 -7.48 -19.90 -11.24
N ILE A 200 -8.05 -19.71 -10.04
CA ILE A 200 -8.23 -18.35 -9.51
C ILE A 200 -7.40 -18.12 -8.23
N ASP A 201 -6.73 -19.15 -7.71
CA ASP A 201 -6.07 -18.98 -6.43
C ASP A 201 -5.08 -20.12 -6.22
N LEU A 202 -3.93 -19.77 -5.64
CA LEU A 202 -2.88 -20.74 -5.37
C LEU A 202 -2.15 -20.28 -4.10
N GLN A 203 -2.40 -21.01 -3.00
CA GLN A 203 -1.84 -20.70 -1.69
C GLN A 203 -1.17 -21.94 -1.09
N PHE A 204 -0.29 -21.69 -0.13
CA PHE A 204 0.31 -22.74 0.67
C PHE A 204 0.40 -22.27 2.11
N GLY A 205 -0.01 -23.12 3.04
CA GLY A 205 0.01 -22.69 4.43
C GLY A 205 -0.43 -23.82 5.35
N THR A 206 -1.03 -23.42 6.47
CA THR A 206 -1.34 -24.36 7.52
C THR A 206 -2.73 -24.05 8.09
N GLU A 207 -3.51 -25.10 8.33
CA GLU A 207 -4.77 -24.96 9.05
C GLU A 207 -4.58 -25.51 10.44
N PRO A 208 -4.50 -24.66 11.47
CA PRO A 208 -4.50 -25.13 12.87
C PRO A 208 -5.91 -25.32 13.38
N PHE A 209 -6.06 -26.38 14.20
CA PHE A 209 -7.26 -26.63 14.98
C PHE A 209 -6.98 -26.30 16.43
N THR A 210 -6.09 -27.06 17.08
CA THR A 210 -5.70 -26.83 18.47
C THR A 210 -4.24 -27.24 18.67
N GLY A 211 -3.63 -26.71 19.75
CA GLY A 211 -2.28 -27.01 20.18
C GLY A 211 -1.38 -25.77 20.15
N GLY A 212 -0.10 -26.00 20.46
CA GLY A 212 0.91 -24.96 20.39
C GLY A 212 1.42 -24.56 21.77
N PRO A 213 2.38 -23.62 21.85
CA PRO A 213 2.92 -22.97 20.66
C PRO A 213 3.61 -23.97 19.72
N THR A 214 3.48 -23.70 18.43
CA THR A 214 4.24 -24.42 17.43
C THR A 214 4.63 -23.40 16.37
N THR A 215 5.71 -23.68 15.64
CA THR A 215 6.11 -22.83 14.52
C THR A 215 6.21 -23.68 13.26
N LEU A 216 5.50 -23.26 12.21
CA LEU A 216 5.72 -23.76 10.87
C LEU A 216 6.75 -22.85 10.21
N THR A 217 7.89 -23.41 9.82
CA THR A 217 8.88 -22.65 9.08
C THR A 217 8.83 -23.09 7.64
N VAL A 218 8.58 -22.15 6.74
CA VAL A 218 8.62 -22.44 5.32
C VAL A 218 9.86 -21.73 4.79
N SER A 219 10.97 -22.47 4.77
CA SER A 219 12.25 -21.90 4.36
C SER A 219 12.25 -21.60 2.85
N SER A 220 11.37 -22.26 2.12
CA SER A 220 11.27 -21.92 0.72
C SER A 220 9.92 -22.37 0.16
N TRP A 221 9.21 -21.42 -0.47
CA TRP A 221 8.03 -21.76 -1.22
C TRP A 221 8.07 -21.04 -2.56
N SER A 222 7.64 -21.75 -3.60
CA SER A 222 7.55 -21.19 -4.94
C SER A 222 6.42 -21.86 -5.69
N ALA A 223 5.83 -21.10 -6.60
CA ALA A 223 4.92 -21.67 -7.58
C ALA A 223 4.94 -20.76 -8.80
N SER A 224 4.66 -21.34 -9.97
CA SER A 224 4.26 -20.51 -11.09
C SER A 224 3.26 -21.28 -11.91
N VAL A 225 2.49 -20.52 -12.70
CA VAL A 225 1.52 -21.10 -13.60
C VAL A 225 2.00 -20.82 -15.03
N ASN A 226 2.50 -21.85 -15.72
CA ASN A 226 2.97 -21.69 -17.09
C ASN A 226 1.92 -22.14 -18.09
N LEU A 227 1.64 -21.27 -19.08
CA LEU A 227 0.94 -21.63 -20.31
C LEU A 227 1.80 -22.57 -21.14
N ASP A 228 1.20 -23.17 -22.18
CA ASP A 228 1.93 -23.95 -23.17
C ASP A 228 2.77 -23.03 -24.08
N PHE B 4 16.27 36.47 17.15
CA PHE B 4 15.84 35.80 18.45
C PHE B 4 16.67 34.53 18.65
N GLN B 5 16.90 33.78 17.58
CA GLN B 5 17.53 32.48 17.76
C GLN B 5 19.02 32.53 17.43
N SER B 6 19.80 31.81 18.22
CA SER B 6 21.23 31.66 17.96
C SER B 6 21.47 30.98 16.61
N GLN B 7 22.43 31.51 15.82
CA GLN B 7 22.82 30.90 14.56
C GLN B 7 23.83 29.78 14.78
N SER B 8 24.23 29.56 16.03
CA SER B 8 25.32 28.67 16.38
C SER B 8 24.77 27.54 17.25
N LEU B 9 24.80 26.31 16.73
CA LEU B 9 24.08 25.21 17.36
C LEU B 9 25.11 24.18 17.82
N CYS B 10 25.39 24.16 19.13
CA CYS B 10 26.46 23.32 19.63
C CYS B 10 25.95 22.23 20.57
N ALA B 11 24.85 22.49 21.28
CA ALA B 11 24.25 21.46 22.14
C ALA B 11 23.74 20.28 21.31
N GLN B 12 23.52 19.14 21.97
CA GLN B 12 23.14 17.92 21.29
C GLN B 12 21.95 18.16 20.38
N TYR B 13 20.92 18.86 20.87
CA TYR B 13 19.72 19.05 20.06
C TYR B 13 19.42 20.51 19.80
N ALA B 14 20.46 21.34 19.76
CA ALA B 14 20.27 22.72 19.36
C ALA B 14 19.73 22.80 17.92
N SER B 15 18.75 23.67 17.70
CA SER B 15 18.11 23.79 16.38
C SER B 15 17.83 25.26 16.06
N TYR B 16 17.62 25.55 14.79
CA TYR B 16 17.17 26.85 14.37
C TYR B 16 15.93 26.63 13.52
N THR B 17 14.87 27.41 13.74
CA THR B 17 13.64 27.20 13.00
C THR B 17 13.40 28.42 12.12
N GLY B 18 13.59 28.27 10.81
CA GLY B 18 13.28 29.36 9.89
C GLY B 18 11.81 29.29 9.47
N SER B 19 11.41 30.11 8.52
CA SER B 19 10.02 30.10 8.08
C SER B 19 9.78 28.87 7.21
N THR B 20 10.77 28.45 6.42
CA THR B 20 10.63 27.34 5.49
C THR B 20 11.58 26.19 5.84
N TYR B 21 12.81 26.54 6.25
CA TYR B 21 13.81 25.54 6.55
C TYR B 21 14.19 25.60 8.02
N GLY B 22 14.58 24.46 8.58
CA GLY B 22 15.22 24.41 9.88
C GLY B 22 16.65 23.87 9.76
N LEU B 23 17.41 24.01 10.86
CA LEU B 23 18.79 23.58 10.91
C LEU B 23 18.97 22.91 12.26
N ASN B 24 19.65 21.76 12.30
CA ASN B 24 19.70 20.95 13.51
C ASN B 24 21.10 20.40 13.70
N ASN B 25 21.61 20.48 14.93
CA ASN B 25 22.93 19.96 15.21
C ASN B 25 22.79 18.44 15.29
N ASN B 26 21.75 18.02 16.01
CA ASN B 26 21.26 16.64 16.03
C ASN B 26 22.38 15.65 16.32
N LEU B 27 23.08 15.84 17.45
CA LEU B 27 24.16 14.91 17.82
C LEU B 27 23.57 13.64 18.44
N TRP B 28 22.71 12.95 17.68
CA TRP B 28 21.91 11.90 18.28
C TRP B 28 22.78 10.75 18.80
N GLY B 29 23.96 10.54 18.22
CA GLY B 29 24.77 9.40 18.59
C GLY B 29 26.02 9.81 19.38
N GLU B 30 25.98 10.98 20.03
CA GLU B 30 27.18 11.51 20.64
C GLU B 30 27.66 10.61 21.78
N ALA B 31 26.75 9.89 22.44
CA ALA B 31 27.12 9.03 23.54
C ALA B 31 28.10 7.95 23.06
N SER B 32 28.07 7.67 21.75
CA SER B 32 28.83 6.54 21.24
C SER B 32 30.26 6.93 20.82
N GLY B 33 30.62 8.20 21.05
CA GLY B 33 31.86 8.70 20.51
C GLY B 33 32.46 9.80 21.39
N SER B 34 33.74 10.10 21.13
CA SER B 34 34.42 11.16 21.84
C SER B 34 34.73 12.25 20.81
N GLY B 35 34.32 13.47 21.13
CA GLY B 35 34.61 14.61 20.27
C GLY B 35 33.61 15.74 20.46
N SER B 36 33.36 16.50 19.40
CA SER B 36 32.40 17.57 19.49
C SER B 36 31.99 18.01 18.08
N GLN B 37 30.89 18.76 18.00
CA GLN B 37 30.36 19.19 16.72
C GLN B 37 29.42 20.34 16.96
N CYS B 38 29.58 21.38 16.12
CA CYS B 38 28.65 22.50 16.11
C CYS B 38 28.18 22.71 14.69
N THR B 39 26.95 23.21 14.55
CA THR B 39 26.36 23.51 13.27
C THR B 39 26.00 24.99 13.26
N TYR B 40 26.21 25.65 12.13
CA TYR B 40 26.12 27.10 12.08
C TYR B 40 25.21 27.53 10.94
N LEU B 41 24.23 28.38 11.23
CA LEU B 41 23.39 28.89 10.16
C LEU B 41 24.17 29.97 9.44
N ASN B 42 24.22 29.89 8.11
CA ASN B 42 24.57 31.04 7.31
C ASN B 42 23.31 31.90 7.16
N SER B 43 22.44 31.56 6.20
CA SER B 43 21.17 32.26 6.06
C SER B 43 20.09 31.29 5.60
N ALA B 44 18.85 31.62 5.89
CA ALA B 44 17.68 30.81 5.56
C ALA B 44 16.64 31.76 5.00
N SER B 45 15.95 31.34 3.95
CA SER B 45 14.91 32.15 3.35
C SER B 45 13.76 31.22 2.97
N SER B 46 12.86 31.72 2.12
CA SER B 46 11.77 30.86 1.71
C SER B 46 12.25 29.99 0.56
N SER B 47 13.35 30.40 -0.09
CA SER B 47 13.81 29.68 -1.26
C SER B 47 14.99 28.75 -0.96
N SER B 48 15.77 28.98 0.10
CA SER B 48 16.86 28.06 0.38
C SER B 48 17.48 28.33 1.74
N ILE B 49 18.46 27.47 2.10
CA ILE B 49 19.20 27.61 3.34
C ILE B 49 20.65 27.27 3.04
N ASN B 50 21.57 27.94 3.74
CA ASN B 50 22.96 27.55 3.64
C ASN B 50 23.53 27.63 5.05
N TRP B 51 24.53 26.77 5.26
CA TRP B 51 24.99 26.46 6.60
C TRP B 51 26.30 25.70 6.52
N TYR B 52 26.88 25.45 7.70
CA TYR B 52 28.02 24.56 7.75
C TYR B 52 28.05 23.88 9.10
N THR B 53 28.82 22.79 9.17
CA THR B 53 28.99 22.07 10.42
C THR B 53 30.44 21.62 10.50
N THR B 54 31.03 21.68 11.70
CA THR B 54 32.40 21.30 11.94
C THR B 54 32.42 20.23 13.03
N TRP B 55 33.19 19.16 12.81
CA TRP B 55 33.16 18.11 13.82
C TRP B 55 34.51 17.38 13.92
N THR B 56 34.71 16.78 15.09
CA THR B 56 35.78 15.83 15.33
C THR B 56 35.19 14.69 16.14
N TRP B 57 35.27 13.46 15.63
CA TRP B 57 34.70 12.32 16.33
C TRP B 57 35.70 11.17 16.32
N SER B 58 35.79 10.45 17.44
CA SER B 58 36.55 9.22 17.51
C SER B 58 35.78 8.20 18.37
N GLY B 59 36.16 6.92 18.26
CA GLY B 59 35.53 5.83 18.99
C GLY B 59 34.37 5.21 18.20
N ASN B 60 34.14 3.91 18.44
CA ASN B 60 33.07 3.15 17.82
C ASN B 60 32.97 3.52 16.33
N ALA B 61 33.97 3.10 15.55
CA ALA B 61 34.12 3.43 14.14
C ALA B 61 32.88 3.11 13.33
N ASN B 62 32.07 2.15 13.78
CA ASN B 62 30.99 1.68 12.94
C ASN B 62 29.68 2.38 13.31
N GLU B 63 29.69 3.27 14.31
CA GLU B 63 28.47 3.92 14.76
C GLU B 63 28.43 5.41 14.36
N VAL B 64 27.30 5.81 13.77
CA VAL B 64 27.08 7.21 13.46
C VAL B 64 27.03 8.03 14.73
N LYS B 65 27.65 9.21 14.72
CA LYS B 65 27.71 10.04 15.92
C LYS B 65 26.61 11.11 15.90
N SER B 66 26.14 11.46 14.72
CA SER B 66 25.23 12.58 14.59
C SER B 66 24.67 12.66 13.17
N TYR B 67 23.74 13.58 12.99
CA TYR B 67 23.23 13.88 11.66
C TYR B 67 22.76 15.33 11.64
N ALA B 68 23.75 16.23 11.67
CA ALA B 68 23.51 17.65 11.48
C ALA B 68 22.88 17.81 10.11
N ASN B 69 21.86 18.66 10.04
CA ASN B 69 21.08 18.67 8.82
C ASN B 69 20.29 19.97 8.72
N SER B 70 20.07 20.39 7.48
CA SER B 70 18.98 21.30 7.18
C SER B 70 17.76 20.46 6.83
N GLN B 71 16.59 21.03 7.06
CA GLN B 71 15.33 20.31 7.01
C GLN B 71 14.28 21.21 6.36
N LEU B 72 13.48 20.63 5.46
CA LEU B 72 12.32 21.36 4.95
C LEU B 72 11.19 21.22 5.98
N LEU B 73 10.79 22.36 6.53
CA LEU B 73 9.71 22.41 7.51
C LEU B 73 8.40 22.69 6.80
N SER B 74 8.48 23.44 5.70
CA SER B 74 7.28 23.95 5.08
C SER B 74 6.82 23.06 3.92
N PHE B 75 6.05 22.01 4.22
CA PHE B 75 5.48 21.15 3.19
C PHE B 75 4.28 20.38 3.73
N THR B 76 3.36 19.95 2.86
CA THR B 76 2.22 19.17 3.32
C THR B 76 2.56 17.68 3.20
N LYS B 77 2.25 16.94 4.27
CA LYS B 77 2.50 15.50 4.30
C LYS B 77 1.43 14.82 3.45
N LYS B 78 1.87 14.11 2.39
CA LYS B 78 0.98 13.38 1.51
C LYS B 78 1.53 11.97 1.32
N TYR B 79 0.68 11.07 0.83
CA TYR B 79 1.12 9.77 0.33
C TYR B 79 2.15 9.98 -0.79
N VAL B 80 3.26 9.23 -0.69
CA VAL B 80 4.36 9.39 -1.63
C VAL B 80 3.84 9.26 -3.07
N SER B 81 2.93 8.28 -3.27
CA SER B 81 2.35 8.03 -4.59
C SER B 81 1.68 9.28 -5.17
N ASN B 82 1.23 10.21 -4.31
CA ASN B 82 0.41 11.33 -4.71
C ASN B 82 1.25 12.61 -4.80
N ILE B 83 2.57 12.50 -4.61
CA ILE B 83 3.40 13.69 -4.75
C ILE B 83 3.84 13.75 -6.21
N GLY B 84 3.67 14.91 -6.83
CA GLY B 84 4.07 15.14 -8.21
C GLY B 84 5.60 15.21 -8.35
N SER B 85 6.25 16.05 -7.54
CA SER B 85 7.69 16.17 -7.62
C SER B 85 8.28 16.65 -6.29
N ILE B 86 9.54 16.29 -6.07
CA ILE B 86 10.29 16.81 -4.95
C ILE B 86 11.60 17.37 -5.49
N PRO B 87 11.57 18.55 -6.14
CA PRO B 87 12.80 19.11 -6.71
C PRO B 87 13.68 19.52 -5.53
N THR B 88 14.98 19.33 -5.69
CA THR B 88 15.94 19.64 -4.65
C THR B 88 17.26 20.04 -5.30
N THR B 89 18.00 20.92 -4.64
CA THR B 89 19.36 21.18 -5.06
C THR B 89 20.24 21.19 -3.82
N ALA B 90 21.48 20.70 -3.95
CA ALA B 90 22.45 20.70 -2.87
C ALA B 90 23.79 21.05 -3.49
N GLN B 91 24.41 22.12 -2.97
CA GLN B 91 25.75 22.51 -3.36
C GLN B 91 26.53 22.50 -2.06
N TRP B 92 27.59 21.67 -1.96
CA TRP B 92 28.34 21.51 -0.72
C TRP B 92 29.80 21.21 -1.00
N SER B 93 30.62 21.35 0.05
CA SER B 93 31.99 20.88 -0.02
C SER B 93 32.41 20.45 1.38
N LEU B 94 33.47 19.63 1.42
CA LEU B 94 34.02 19.13 2.67
C LEU B 94 35.50 19.50 2.73
N SER B 95 35.93 20.19 3.78
CA SER B 95 37.28 20.72 3.86
C SER B 95 38.33 19.62 4.08
N ASN B 96 37.95 18.55 4.79
CA ASN B 96 38.90 17.49 5.06
C ASN B 96 38.24 16.14 4.76
N THR B 97 38.74 15.42 3.74
CA THR B 97 38.12 14.20 3.23
C THR B 97 38.62 12.98 4.00
N GLY B 98 39.58 13.21 4.90
CA GLY B 98 40.21 12.13 5.65
C GLY B 98 39.37 11.77 6.87
N VAL B 99 38.11 11.43 6.61
CA VAL B 99 37.17 11.09 7.66
C VAL B 99 36.35 9.91 7.15
N ASN B 100 35.60 9.32 8.06
CA ASN B 100 34.61 8.32 7.71
C ASN B 100 33.26 8.99 7.91
N ALA B 101 32.60 9.32 6.80
CA ALA B 101 31.34 10.06 6.87
C ALA B 101 30.62 9.94 5.54
N ASP B 102 29.31 10.09 5.60
CA ASP B 102 28.55 10.31 4.37
C ASP B 102 27.94 11.70 4.40
N VAL B 103 27.60 12.18 3.20
CA VAL B 103 26.82 13.39 3.03
C VAL B 103 25.56 12.94 2.28
N ALA B 104 24.40 13.15 2.91
CA ALA B 104 23.22 12.39 2.53
C ALA B 104 21.92 13.16 2.77
N TYR B 105 20.98 12.97 1.82
CA TYR B 105 19.58 13.20 2.09
C TYR B 105 19.07 12.11 3.02
N ASP B 106 18.16 12.46 3.91
CA ASP B 106 17.45 11.50 4.73
C ASP B 106 15.96 11.87 4.69
N LEU B 107 15.12 10.90 4.33
CA LEU B 107 13.67 11.08 4.31
C LEU B 107 13.04 9.92 5.07
N PHE B 108 11.91 10.20 5.72
CA PHE B 108 11.13 9.14 6.33
C PHE B 108 9.72 9.14 5.78
N THR B 109 9.15 7.92 5.72
CA THR B 109 7.72 7.79 5.46
C THR B 109 7.09 6.99 6.59
N SER B 110 5.78 7.22 6.75
CA SER B 110 5.02 6.39 7.66
C SER B 110 3.60 6.25 7.15
N SER B 111 2.99 5.13 7.56
CA SER B 111 1.55 4.91 7.52
C SER B 111 0.85 6.01 8.32
N ASN B 112 1.47 6.32 9.46
CA ASN B 112 0.89 7.23 10.42
C ASN B 112 1.36 8.64 10.15
N ILE B 113 0.46 9.51 9.68
CA ILE B 113 0.83 10.87 9.30
C ILE B 113 1.40 11.67 10.48
N ASN B 114 1.16 11.20 11.72
CA ASN B 114 1.63 11.92 12.90
C ASN B 114 2.84 11.23 13.53
N HIS B 115 3.46 10.34 12.79
CA HIS B 115 4.67 9.68 13.25
C HIS B 115 5.76 10.73 13.53
N VAL B 116 6.56 10.47 14.57
CA VAL B 116 7.75 11.28 14.84
C VAL B 116 8.57 11.36 13.55
N THR B 117 9.18 12.53 13.32
CA THR B 117 9.73 12.81 12.00
C THR B 117 11.18 12.30 11.90
N TYR B 118 11.70 11.67 12.95
CA TYR B 118 13.11 11.30 12.95
C TYR B 118 13.25 9.80 12.69
N SER B 119 12.12 9.13 12.43
CA SER B 119 12.14 7.75 11.97
C SER B 119 10.81 7.49 11.25
N GLY B 120 10.61 6.25 10.82
CA GLY B 120 9.41 5.92 10.06
C GLY B 120 9.34 4.44 9.71
N ASP B 121 8.29 4.06 8.97
CA ASP B 121 8.17 2.72 8.47
C ASP B 121 9.29 2.52 7.46
N TYR B 122 9.51 3.54 6.63
CA TYR B 122 10.57 3.47 5.65
C TYR B 122 11.46 4.70 5.75
N GLU B 123 12.69 4.51 5.26
CA GLU B 123 13.65 5.59 5.20
C GLU B 123 14.31 5.52 3.84
N LEU B 124 14.46 6.69 3.22
CA LEU B 124 15.21 6.86 1.98
C LEU B 124 16.40 7.78 2.28
N MET B 125 17.62 7.27 2.03
CA MET B 125 18.81 8.10 2.06
C MET B 125 19.40 8.17 0.66
N ILE B 126 19.92 9.34 0.31
CA ILE B 126 20.66 9.52 -0.93
C ILE B 126 22.03 10.09 -0.56
N TRP B 127 23.05 9.25 -0.62
CA TRP B 127 24.41 9.63 -0.25
C TRP B 127 25.05 10.29 -1.47
N LEU B 128 25.14 11.64 -1.42
CA LEU B 128 25.80 12.41 -2.46
C LEU B 128 27.31 12.23 -2.34
N GLY B 129 27.78 11.83 -1.15
CA GLY B 129 29.21 11.70 -0.92
C GLY B 129 29.47 10.68 0.19
N ARG B 130 30.46 9.84 -0.05
CA ARG B 130 30.87 8.81 0.88
C ARG B 130 32.39 8.89 1.01
N TYR B 131 32.84 9.06 2.25
CA TYR B 131 34.25 9.15 2.55
C TYR B 131 34.58 8.04 3.53
N GLY B 132 35.62 7.29 3.19
CA GLY B 132 36.02 6.16 4.00
C GLY B 132 35.19 4.95 3.64
N SER B 133 35.67 3.81 4.12
CA SER B 133 35.10 2.51 3.85
C SER B 133 33.83 2.31 4.70
N ILE B 134 32.84 3.20 4.63
CA ILE B 134 31.59 2.99 5.34
C ILE B 134 30.55 2.43 4.36
N GLN B 135 29.46 1.86 4.87
CA GLN B 135 28.41 1.45 3.96
C GLN B 135 27.03 1.66 4.59
N PRO B 136 25.97 1.74 3.77
CA PRO B 136 24.60 1.87 4.30
C PRO B 136 24.24 0.63 5.11
N ILE B 137 23.14 0.70 5.86
CA ILE B 137 22.63 -0.46 6.56
C ILE B 137 22.20 -1.45 5.48
N GLY B 138 22.42 -2.74 5.76
CA GLY B 138 21.90 -3.79 4.91
C GLY B 138 22.95 -4.20 3.87
N SER B 139 22.48 -4.52 2.67
CA SER B 139 23.33 -4.95 1.57
C SER B 139 22.91 -4.22 0.31
N GLN B 140 23.83 -4.23 -0.65
CA GLN B 140 23.50 -3.67 -1.95
C GLN B 140 22.62 -4.68 -2.67
N ILE B 141 21.47 -4.23 -3.20
CA ILE B 141 20.54 -5.16 -3.83
C ILE B 141 20.35 -4.81 -5.30
N ALA B 142 20.87 -3.66 -5.75
CA ALA B 142 20.69 -3.32 -7.15
C ALA B 142 21.59 -2.15 -7.50
N THR B 143 21.53 -1.74 -8.78
CA THR B 143 22.14 -0.53 -9.29
C THR B 143 21.03 0.18 -10.05
N ALA B 144 21.00 1.52 -9.98
CA ALA B 144 19.93 2.25 -10.62
C ALA B 144 20.51 3.51 -11.23
N THR B 145 19.93 3.93 -12.36
CA THR B 145 20.27 5.22 -12.94
C THR B 145 19.15 6.18 -12.60
N ILE B 146 19.43 7.23 -11.84
CA ILE B 146 18.41 8.17 -11.41
C ILE B 146 19.02 9.55 -11.38
N ALA B 147 18.26 10.54 -11.87
CA ALA B 147 18.64 11.94 -11.83
C ALA B 147 19.94 12.15 -12.61
N GLY B 148 20.23 11.23 -13.57
CA GLY B 148 21.39 11.37 -14.41
C GLY B 148 22.67 10.82 -13.78
N TYR B 149 22.54 10.01 -12.70
CA TYR B 149 23.71 9.37 -12.09
C TYR B 149 23.46 7.88 -11.86
N THR B 150 24.54 7.13 -11.65
CA THR B 150 24.42 5.74 -11.26
C THR B 150 24.57 5.61 -9.74
N TRP B 151 23.72 4.79 -9.12
CA TRP B 151 23.71 4.61 -7.69
C TRP B 151 23.87 3.13 -7.39
N GLU B 152 24.64 2.80 -6.35
CA GLU B 152 24.41 1.53 -5.69
C GLU B 152 23.13 1.63 -4.88
N VAL B 153 22.30 0.59 -4.94
CA VAL B 153 21.03 0.59 -4.21
C VAL B 153 21.14 -0.40 -3.07
N TRP B 154 21.04 0.13 -1.85
CA TRP B 154 21.18 -0.67 -0.64
C TRP B 154 19.83 -0.77 0.05
N TYR B 155 19.69 -1.82 0.86
CA TYR B 155 18.44 -2.07 1.54
C TYR B 155 18.77 -2.88 2.78
N GLY B 156 18.12 -2.52 3.87
CA GLY B 156 18.29 -3.19 5.14
C GLY B 156 17.46 -2.51 6.21
N GLY B 157 17.65 -2.97 7.45
CA GLY B 157 16.90 -2.42 8.55
C GLY B 157 16.25 -3.55 9.33
N SER B 158 15.05 -3.30 9.83
CA SER B 158 14.25 -4.29 10.53
C SER B 158 12.77 -3.98 10.30
N SER B 159 11.91 -4.79 10.93
CA SER B 159 10.47 -4.64 10.82
C SER B 159 10.04 -3.22 11.21
N SER B 160 10.70 -2.60 12.18
CA SER B 160 10.24 -1.28 12.55
C SER B 160 10.65 -0.21 11.52
N GLN B 161 11.73 -0.44 10.75
CA GLN B 161 12.14 0.56 9.78
C GLN B 161 13.02 -0.03 8.67
N TRP B 162 12.55 0.10 7.44
CA TRP B 162 13.35 -0.32 6.29
C TRP B 162 13.97 0.88 5.62
N THR B 163 15.26 0.77 5.30
CA THR B 163 16.02 1.88 4.75
C THR B 163 16.51 1.50 3.37
N TYR B 164 16.17 2.34 2.39
CA TYR B 164 16.77 2.28 1.07
C TYR B 164 17.79 3.39 1.01
N SER B 165 19.04 3.04 0.62
CA SER B 165 20.11 4.00 0.47
C SER B 165 20.64 3.96 -0.95
N TYR B 166 20.66 5.12 -1.62
CA TYR B 166 21.22 5.26 -2.95
C TYR B 166 22.59 5.91 -2.81
N VAL B 167 23.64 5.23 -3.29
CA VAL B 167 25.00 5.68 -2.95
C VAL B 167 25.77 6.06 -4.21
N ALA B 168 26.29 7.30 -4.21
CA ALA B 168 27.11 7.82 -5.30
C ALA B 168 28.55 7.32 -5.09
N SER B 169 29.18 6.86 -6.16
CA SER B 169 30.57 6.39 -6.09
C SER B 169 31.53 7.53 -5.77
N SER B 170 31.44 8.55 -6.60
CA SER B 170 32.28 9.73 -6.51
C SER B 170 31.39 10.87 -6.02
N PRO B 171 31.88 11.80 -5.17
CA PRO B 171 31.02 12.84 -4.59
C PRO B 171 30.28 13.68 -5.62
N ILE B 172 28.98 13.93 -5.37
CA ILE B 172 28.21 14.87 -6.18
C ILE B 172 28.06 16.12 -5.34
N THR B 173 28.98 17.07 -5.54
CA THR B 173 29.05 18.22 -4.64
C THR B 173 28.13 19.32 -5.18
N SER B 174 27.64 19.09 -6.39
CA SER B 174 26.70 20.03 -6.98
C SER B 174 25.56 19.24 -7.62
N PHE B 175 24.47 19.06 -6.84
CA PHE B 175 23.41 18.14 -7.21
C PHE B 175 22.10 18.89 -7.42
N SER B 176 21.40 18.50 -8.48
CA SER B 176 20.04 18.94 -8.74
C SER B 176 19.24 17.74 -9.24
N GLY B 177 18.09 17.49 -8.62
CA GLY B 177 17.28 16.37 -9.07
C GLY B 177 15.90 16.37 -8.42
N ASP B 178 15.14 15.33 -8.74
CA ASP B 178 13.83 15.17 -8.19
C ASP B 178 13.85 13.94 -7.29
N ILE B 179 13.56 14.13 -6.00
CA ILE B 179 13.60 13.00 -5.07
C ILE B 179 12.49 11.98 -5.41
N ILE B 180 11.44 12.45 -6.12
CA ILE B 180 10.33 11.55 -6.38
C ILE B 180 10.82 10.37 -7.25
N ASP B 181 11.83 10.63 -8.11
CA ASP B 181 12.39 9.61 -8.98
C ASP B 181 12.96 8.46 -8.15
N PHE B 182 13.55 8.77 -7.00
CA PHE B 182 14.06 7.73 -6.12
C PHE B 182 12.90 6.98 -5.49
N PHE B 183 11.85 7.70 -5.12
CA PHE B 183 10.68 7.01 -4.60
C PHE B 183 10.07 6.09 -5.65
N HIS B 184 10.02 6.58 -6.90
CA HIS B 184 9.50 5.78 -8.00
C HIS B 184 10.29 4.50 -8.15
N ASP B 185 11.63 4.64 -8.08
CA ASP B 185 12.50 3.49 -8.15
C ASP B 185 12.13 2.49 -7.06
N MET B 186 11.89 2.99 -5.85
CA MET B 186 11.57 2.11 -4.74
C MET B 186 10.24 1.41 -4.98
N THR B 187 9.28 2.15 -5.58
CA THR B 187 7.95 1.64 -5.82
C THR B 187 7.97 0.61 -6.95
N ASN B 188 8.51 1.02 -8.10
CA ASN B 188 8.51 0.25 -9.33
C ASN B 188 9.41 -0.97 -9.23
N ASN B 189 10.55 -0.87 -8.55
CA ASN B 189 11.49 -1.95 -8.58
C ASN B 189 11.58 -2.71 -7.26
N HIS B 190 11.06 -2.14 -6.17
CA HIS B 190 11.26 -2.77 -4.87
C HIS B 190 9.97 -2.86 -4.07
N GLY B 191 8.84 -2.53 -4.70
CA GLY B 191 7.53 -2.74 -4.08
C GLY B 191 7.27 -1.87 -2.85
N PHE B 192 7.88 -0.69 -2.82
CA PHE B 192 7.62 0.23 -1.72
C PHE B 192 6.17 0.70 -1.79
N PRO B 193 5.39 0.55 -0.70
CA PRO B 193 3.96 0.89 -0.72
C PRO B 193 3.69 2.39 -0.72
N ALA B 194 4.07 3.07 -1.80
CA ALA B 194 4.00 4.51 -1.97
C ALA B 194 2.61 5.06 -1.64
N SER B 195 1.57 4.26 -1.89
CA SER B 195 0.25 4.85 -1.81
C SER B 195 -0.29 4.73 -0.40
N SER B 196 0.44 4.07 0.51
CA SER B 196 0.01 4.04 1.90
C SER B 196 1.08 4.59 2.86
N GLN B 197 2.01 5.40 2.33
CA GLN B 197 3.10 5.94 3.10
C GLN B 197 3.16 7.45 2.88
N TYR B 198 2.99 8.18 3.99
CA TYR B 198 3.10 9.63 3.95
C TYR B 198 4.58 10.00 4.07
N LEU B 199 4.99 10.97 3.25
CA LEU B 199 6.30 11.58 3.39
C LEU B 199 6.22 12.50 4.61
N ILE B 200 7.04 12.22 5.63
CA ILE B 200 6.91 12.92 6.91
C ILE B 200 8.18 13.73 7.23
N ASP B 201 9.22 13.62 6.42
CA ASP B 201 10.48 14.25 6.80
C ASP B 201 11.39 14.32 5.57
N LEU B 202 12.11 15.43 5.48
CA LEU B 202 13.01 15.65 4.36
C LEU B 202 14.18 16.49 4.87
N GLN B 203 15.35 15.86 4.97
CA GLN B 203 16.54 16.47 5.55
C GLN B 203 17.73 16.26 4.62
N PHE B 204 18.74 17.11 4.81
CA PHE B 204 20.02 16.93 4.13
C PHE B 204 21.14 17.28 5.12
N GLY B 205 22.16 16.43 5.16
CA GLY B 205 23.21 16.65 6.14
C GLY B 205 24.30 15.61 6.01
N THR B 206 24.95 15.33 7.14
CA THR B 206 26.13 14.47 7.14
C THR B 206 26.07 13.54 8.35
N GLU B 207 26.39 12.27 8.10
CA GLU B 207 26.57 11.32 9.18
C GLU B 207 28.06 11.07 9.36
N PRO B 208 28.68 11.61 10.44
CA PRO B 208 30.06 11.28 10.79
C PRO B 208 30.17 9.98 11.56
N PHE B 209 31.25 9.24 11.26
CA PHE B 209 31.66 8.08 12.02
C PHE B 209 32.88 8.46 12.88
N THR B 210 34.03 8.73 12.23
CA THR B 210 35.25 9.12 12.90
C THR B 210 36.03 10.07 11.98
N GLY B 211 36.95 10.85 12.59
CA GLY B 211 37.84 11.76 11.89
C GLY B 211 37.64 13.20 12.37
N GLY B 212 38.39 14.10 11.72
CA GLY B 212 38.21 15.53 11.89
C GLY B 212 39.40 16.15 12.61
N PRO B 213 39.37 17.48 12.85
CA PRO B 213 38.23 18.31 12.46
C PRO B 213 38.03 18.32 10.94
N THR B 214 36.75 18.39 10.55
CA THR B 214 36.39 18.62 9.17
C THR B 214 35.17 19.53 9.19
N THR B 215 34.98 20.28 8.09
CA THR B 215 33.82 21.16 7.98
C THR B 215 33.10 20.86 6.68
N LEU B 216 31.82 20.54 6.81
CA LEU B 216 30.92 20.47 5.66
C LEU B 216 30.31 21.86 5.50
N THR B 217 30.52 22.47 4.33
CA THR B 217 29.85 23.71 3.99
C THR B 217 28.76 23.36 3.00
N VAL B 218 27.53 23.75 3.35
CA VAL B 218 26.42 23.63 2.42
C VAL B 218 26.10 25.05 1.97
N SER B 219 26.70 25.42 0.83
CA SER B 219 26.57 26.77 0.32
C SER B 219 25.17 26.98 -0.26
N SER B 220 24.45 25.89 -0.57
CA SER B 220 23.06 26.06 -0.93
C SER B 220 22.27 24.76 -0.77
N TRP B 221 21.13 24.81 -0.09
CA TRP B 221 20.22 23.67 -0.09
C TRP B 221 18.79 24.14 -0.27
N SER B 222 18.01 23.36 -1.01
CA SER B 222 16.64 23.65 -1.42
C SER B 222 15.87 22.35 -1.48
N ALA B 223 14.61 22.35 -1.05
CA ALA B 223 13.70 21.28 -1.47
C ALA B 223 12.28 21.84 -1.43
N SER B 224 11.41 21.34 -2.28
CA SER B 224 9.99 21.49 -2.03
C SER B 224 9.27 20.21 -2.44
N VAL B 225 8.06 20.07 -1.90
CA VAL B 225 7.18 18.97 -2.22
C VAL B 225 6.00 19.52 -3.01
N ASN B 226 5.96 19.28 -4.34
CA ASN B 226 4.86 19.76 -5.17
C ASN B 226 3.83 18.68 -5.42
N LEU B 227 2.57 19.05 -5.15
CA LEU B 227 1.44 18.15 -5.25
C LEU B 227 0.72 18.37 -6.58
N ASP B 228 1.36 19.12 -7.49
CA ASP B 228 0.80 19.41 -8.80
C ASP B 228 0.51 18.10 -9.51
N HIS B 229 -0.78 17.71 -9.56
CA HIS B 229 -1.28 16.41 -10.02
C HIS B 229 -1.23 16.34 -11.56
N GLN C 5 -4.09 20.78 13.95
CA GLN C 5 -4.48 20.93 12.49
C GLN C 5 -5.62 21.94 12.35
N SER C 6 -5.47 22.88 11.42
CA SER C 6 -6.55 23.83 11.12
C SER C 6 -7.77 23.09 10.55
N GLN C 7 -8.97 23.42 11.03
CA GLN C 7 -10.22 22.82 10.55
C GLN C 7 -10.71 23.52 9.29
N SER C 8 -9.94 24.53 8.88
CA SER C 8 -10.27 25.39 7.77
C SER C 8 -9.25 25.18 6.64
N LEU C 9 -9.75 24.68 5.50
CA LEU C 9 -8.87 24.22 4.44
C LEU C 9 -9.12 25.09 3.22
N CYS C 10 -8.21 26.06 2.98
CA CYS C 10 -8.46 27.02 1.92
C CYS C 10 -7.43 26.92 0.81
N ALA C 11 -6.21 26.49 1.14
CA ALA C 11 -5.17 26.31 0.13
C ALA C 11 -5.57 25.20 -0.85
N GLN C 12 -4.91 25.19 -2.01
CA GLN C 12 -5.28 24.29 -3.08
C GLN C 12 -5.36 22.84 -2.58
N TYR C 13 -4.37 22.41 -1.79
CA TYR C 13 -4.33 21.03 -1.37
C TYR C 13 -4.33 20.91 0.16
N ALA C 14 -4.95 21.86 0.83
CA ALA C 14 -5.12 21.78 2.27
C ALA C 14 -5.98 20.56 2.62
N SER C 15 -5.58 19.81 3.64
CA SER C 15 -6.29 18.60 4.02
C SER C 15 -6.36 18.48 5.53
N TYR C 16 -7.28 17.69 6.03
CA TYR C 16 -7.26 17.29 7.42
C TYR C 16 -7.26 15.77 7.44
N THR C 17 -6.37 15.18 8.23
CA THR C 17 -6.28 13.74 8.22
C THR C 17 -6.73 13.23 9.58
N GLY C 18 -7.91 12.60 9.66
CA GLY C 18 -8.37 12.02 10.90
C GLY C 18 -7.84 10.61 11.06
N SER C 19 -8.35 9.90 12.07
CA SER C 19 -7.93 8.53 12.27
C SER C 19 -8.54 7.61 11.21
N THR C 20 -9.77 7.91 10.76
CA THR C 20 -10.49 7.04 9.82
C THR C 20 -10.81 7.77 8.52
N TYR C 21 -11.18 9.06 8.64
CA TYR C 21 -11.58 9.85 7.49
C TYR C 21 -10.63 11.00 7.32
N GLY C 22 -10.43 11.40 6.06
CA GLY C 22 -9.77 12.65 5.73
C GLY C 22 -10.75 13.64 5.09
N LEU C 23 -10.33 14.91 5.01
CA LEU C 23 -11.11 15.95 4.36
C LEU C 23 -10.13 16.76 3.51
N ASN C 24 -10.50 17.09 2.28
CA ASN C 24 -9.55 17.65 1.34
C ASN C 24 -10.21 18.78 0.57
N ASN C 25 -9.53 19.92 0.47
CA ASN C 25 -10.07 21.04 -0.28
C ASN C 25 -9.96 20.70 -1.76
N ASN C 26 -8.79 20.20 -2.14
CA ASN C 26 -8.55 19.57 -3.43
C ASN C 26 -8.97 20.46 -4.60
N LEU C 27 -8.50 21.71 -4.64
CA LEU C 27 -8.79 22.60 -5.75
C LEU C 27 -7.93 22.25 -6.96
N TRP C 28 -8.07 21.00 -7.43
CA TRP C 28 -7.14 20.50 -8.42
C TRP C 28 -7.26 21.29 -9.73
N GLY C 29 -8.44 21.86 -10.03
CA GLY C 29 -8.62 22.50 -11.33
C GLY C 29 -8.69 24.02 -11.21
N GLU C 30 -8.09 24.58 -10.14
CA GLU C 30 -8.27 26.01 -9.88
C GLU C 30 -7.68 26.86 -10.99
N ALA C 31 -6.64 26.37 -11.66
CA ALA C 31 -5.97 27.13 -12.70
C ALA C 31 -6.97 27.45 -13.82
N SER C 32 -8.03 26.65 -13.92
CA SER C 32 -8.92 26.77 -15.08
C SER C 32 -10.07 27.74 -14.83
N GLY C 33 -10.07 28.39 -13.66
CA GLY C 33 -11.21 29.21 -13.31
C GLY C 33 -10.87 30.36 -12.37
N SER C 34 -11.80 31.29 -12.20
CA SER C 34 -11.62 32.40 -11.27
C SER C 34 -12.62 32.24 -10.14
N GLY C 35 -12.11 32.30 -8.92
CA GLY C 35 -12.96 32.23 -7.75
C GLY C 35 -12.17 31.71 -6.56
N SER C 36 -12.88 31.06 -5.64
CA SER C 36 -12.23 30.56 -4.45
C SER C 36 -13.15 29.56 -3.75
N GLN C 37 -12.52 28.77 -2.88
CA GLN C 37 -13.23 27.70 -2.22
C GLN C 37 -12.44 27.32 -0.97
N CYS C 38 -13.17 27.15 0.12
CA CYS C 38 -12.61 26.63 1.35
C CYS C 38 -13.49 25.49 1.82
N THR C 39 -12.86 24.53 2.47
CA THR C 39 -13.55 23.38 3.02
C THR C 39 -13.31 23.36 4.52
N TYR C 40 -14.32 22.96 5.29
CA TYR C 40 -14.29 23.15 6.72
C TYR C 40 -14.64 21.85 7.39
N LEU C 41 -13.77 21.41 8.30
CA LEU C 41 -14.14 20.23 9.09
C LEU C 41 -15.15 20.64 10.15
N ASN C 42 -16.25 19.91 10.24
CA ASN C 42 -17.07 19.95 11.44
C ASN C 42 -16.41 19.04 12.46
N SER C 43 -16.66 17.74 12.37
CA SER C 43 -15.97 16.79 13.22
C SER C 43 -15.75 15.50 12.44
N ALA C 44 -14.74 14.74 12.85
CA ALA C 44 -14.44 13.43 12.30
C ALA C 44 -14.29 12.49 13.50
N SER C 45 -14.77 11.27 13.34
CA SER C 45 -14.58 10.24 14.35
C SER C 45 -14.23 8.94 13.62
N SER C 46 -14.37 7.83 14.35
CA SER C 46 -14.07 6.56 13.73
C SER C 46 -15.31 6.11 12.98
N SER C 47 -16.47 6.70 13.32
CA SER C 47 -17.71 6.23 12.72
C SER C 47 -18.21 7.16 11.60
N SER C 48 -17.81 8.42 11.57
CA SER C 48 -18.26 9.29 10.49
C SER C 48 -17.52 10.62 10.47
N ILE C 49 -17.84 11.42 9.45
CA ILE C 49 -17.25 12.75 9.31
C ILE C 49 -18.36 13.66 8.82
N ASN C 50 -18.32 14.91 9.28
CA ASN C 50 -19.22 15.91 8.71
C ASN C 50 -18.44 17.18 8.53
N TRP C 51 -18.87 17.93 7.50
CA TRP C 51 -18.07 19.00 6.96
C TRP C 51 -18.92 19.86 6.06
N TYR C 52 -18.30 20.95 5.57
CA TYR C 52 -18.95 21.68 4.52
C TYR C 52 -17.89 22.35 3.66
N THR C 53 -18.30 22.82 2.49
CA THR C 53 -17.42 23.55 1.61
C THR C 53 -18.23 24.67 0.97
N THR C 54 -17.60 25.84 0.82
CA THR C 54 -18.21 27.00 0.19
C THR C 54 -17.37 27.42 -1.02
N TRP C 55 -18.01 27.67 -2.16
CA TRP C 55 -17.23 28.06 -3.31
C TRP C 55 -17.97 29.05 -4.21
N THR C 56 -17.18 29.78 -4.99
CA THR C 56 -17.65 30.57 -6.12
C THR C 56 -16.65 30.36 -7.25
N TRP C 57 -17.13 29.91 -8.42
CA TRP C 57 -16.25 29.64 -9.55
C TRP C 57 -16.85 30.24 -10.81
N SER C 58 -15.97 30.77 -11.68
CA SER C 58 -16.39 31.22 -12.99
C SER C 58 -15.27 30.92 -13.99
N GLY C 59 -15.64 30.89 -15.28
CA GLY C 59 -14.71 30.67 -16.37
C GLY C 59 -14.62 29.20 -16.74
N ASN C 60 -14.35 28.93 -18.02
CA ASN C 60 -14.22 27.59 -18.58
C ASN C 60 -15.33 26.70 -18.01
N ALA C 61 -16.57 26.96 -18.45
CA ALA C 61 -17.77 26.35 -17.88
C ALA C 61 -17.71 24.82 -17.97
N ASN C 62 -16.89 24.28 -18.87
CA ASN C 62 -16.91 22.85 -19.10
C ASN C 62 -15.86 22.13 -18.26
N GLU C 63 -15.05 22.86 -17.50
CA GLU C 63 -13.93 22.28 -16.77
C GLU C 63 -14.21 22.28 -15.25
N VAL C 64 -14.05 21.10 -14.63
CA VAL C 64 -14.16 20.98 -13.18
C VAL C 64 -13.06 21.82 -12.53
N LYS C 65 -13.40 22.51 -11.44
CA LYS C 65 -12.47 23.43 -10.79
C LYS C 65 -11.83 22.75 -9.58
N SER C 66 -12.48 21.71 -9.03
CA SER C 66 -12.05 21.14 -7.78
C SER C 66 -12.89 19.90 -7.45
N TYR C 67 -12.44 19.21 -6.39
CA TYR C 67 -13.22 18.10 -5.86
C TYR C 67 -12.97 18.01 -4.38
N ALA C 68 -13.55 18.97 -3.65
CA ALA C 68 -13.48 18.92 -2.20
C ALA C 68 -14.21 17.66 -1.78
N ASN C 69 -13.65 16.93 -0.82
CA ASN C 69 -14.19 15.63 -0.50
C ASN C 69 -13.79 15.20 0.89
N SER C 70 -14.66 14.40 1.51
CA SER C 70 -14.25 13.53 2.59
C SER C 70 -13.83 12.18 1.98
N GLN C 71 -12.95 11.46 2.68
CA GLN C 71 -12.27 10.30 2.12
C GLN C 71 -12.12 9.25 3.23
N LEU C 72 -12.39 7.99 2.89
CA LEU C 72 -12.15 6.94 3.86
C LEU C 72 -10.68 6.56 3.70
N LEU C 73 -9.94 6.76 4.79
CA LEU C 73 -8.52 6.50 4.83
C LEU C 73 -8.28 5.12 5.40
N SER C 74 -9.18 4.68 6.28
CA SER C 74 -8.96 3.46 7.02
C SER C 74 -9.68 2.29 6.34
N PHE C 75 -9.00 1.65 5.37
CA PHE C 75 -9.50 0.42 4.76
C PHE C 75 -8.34 -0.31 4.10
N THR C 76 -8.47 -1.63 3.88
CA THR C 76 -7.40 -2.35 3.22
C THR C 76 -7.71 -2.40 1.73
N LYS C 77 -6.69 -2.11 0.89
CA LYS C 77 -6.86 -2.31 -0.54
C LYS C 77 -6.95 -3.82 -0.88
N LYS C 78 -8.07 -4.24 -1.45
CA LYS C 78 -8.29 -5.60 -1.89
C LYS C 78 -8.86 -5.53 -3.30
N TYR C 79 -8.80 -6.67 -3.99
CA TYR C 79 -9.50 -6.88 -5.24
C TYR C 79 -11.00 -6.68 -5.00
N VAL C 80 -11.64 -5.95 -5.92
CA VAL C 80 -13.06 -5.67 -5.81
C VAL C 80 -13.85 -6.96 -5.65
N SER C 81 -13.41 -8.03 -6.35
CA SER C 81 -14.10 -9.31 -6.29
C SER C 81 -14.13 -9.87 -4.87
N ASN C 82 -13.18 -9.46 -4.01
CA ASN C 82 -13.04 -10.01 -2.68
C ASN C 82 -13.62 -9.07 -1.63
N ILE C 83 -14.28 -8.00 -2.07
CA ILE C 83 -14.95 -7.12 -1.11
C ILE C 83 -16.38 -7.59 -0.94
N GLY C 84 -16.76 -7.89 0.30
CA GLY C 84 -18.10 -8.33 0.63
C GLY C 84 -19.11 -7.20 0.57
N SER C 85 -18.80 -6.05 1.21
CA SER C 85 -19.73 -4.93 1.13
C SER C 85 -18.97 -3.61 1.30
N ILE C 86 -19.56 -2.56 0.73
CA ILE C 86 -19.08 -1.21 0.96
C ILE C 86 -20.25 -0.35 1.42
N PRO C 87 -20.71 -0.52 2.68
CA PRO C 87 -21.86 0.22 3.17
C PRO C 87 -21.42 1.68 3.26
N THR C 88 -22.35 2.59 2.95
CA THR C 88 -22.05 4.01 3.01
C THR C 88 -23.35 4.75 3.32
N THR C 89 -23.22 5.89 3.98
CA THR C 89 -24.36 6.80 4.09
C THR C 89 -23.84 8.21 3.81
N ALA C 90 -24.68 8.99 3.12
CA ALA C 90 -24.38 10.38 2.84
C ALA C 90 -25.66 11.17 3.12
N GLN C 91 -25.56 12.15 4.02
CA GLN C 91 -26.65 13.08 4.28
C GLN C 91 -26.07 14.45 3.98
N TRP C 92 -26.63 15.18 3.02
CA TRP C 92 -26.05 16.45 2.60
C TRP C 92 -27.14 17.41 2.14
N SER C 93 -26.80 18.70 2.04
CA SER C 93 -27.67 19.65 1.38
C SER C 93 -26.80 20.72 0.69
N LEU C 94 -27.39 21.41 -0.27
CA LEU C 94 -26.71 22.45 -1.02
C LEU C 94 -27.52 23.74 -0.88
N SER C 95 -26.91 24.82 -0.39
CA SER C 95 -27.66 26.03 -0.03
C SER C 95 -28.13 26.79 -1.27
N ASN C 96 -27.37 26.73 -2.36
CA ASN C 96 -27.73 27.43 -3.57
C ASN C 96 -27.59 26.47 -4.74
N THR C 97 -28.72 26.13 -5.40
CA THR C 97 -28.73 25.13 -6.46
C THR C 97 -28.43 25.76 -7.82
N GLY C 98 -28.27 27.09 -7.83
CA GLY C 98 -28.08 27.82 -9.06
C GLY C 98 -26.63 27.79 -9.51
N VAL C 99 -26.10 26.57 -9.63
CA VAL C 99 -24.70 26.37 -9.97
C VAL C 99 -24.65 25.19 -10.93
N ASN C 100 -23.50 25.02 -11.55
CA ASN C 100 -23.21 23.86 -12.37
C ASN C 100 -22.26 23.02 -11.55
N ALA C 101 -22.77 21.92 -10.99
CA ALA C 101 -21.98 21.12 -10.06
C ALA C 101 -22.63 19.75 -9.90
N ASP C 102 -21.81 18.74 -9.56
CA ASP C 102 -22.34 17.49 -9.11
C ASP C 102 -21.95 17.27 -7.66
N VAL C 103 -22.69 16.39 -6.99
CA VAL C 103 -22.34 15.89 -5.69
C VAL C 103 -22.20 14.39 -5.90
N ALA C 104 -21.01 13.84 -5.62
CA ALA C 104 -20.66 12.52 -6.13
C ALA C 104 -19.69 11.77 -5.22
N TYR C 105 -19.91 10.46 -5.11
CA TYR C 105 -18.85 9.53 -4.72
C TYR C 105 -17.86 9.41 -5.87
N ASP C 106 -16.59 9.25 -5.51
CA ASP C 106 -15.53 8.98 -6.46
C ASP C 106 -14.69 7.83 -5.92
N LEU C 107 -14.54 6.76 -6.71
CA LEU C 107 -13.72 5.62 -6.34
C LEU C 107 -12.80 5.30 -7.51
N PHE C 108 -11.61 4.80 -7.18
CA PHE C 108 -10.70 4.36 -8.22
C PHE C 108 -10.28 2.91 -7.95
N THR C 109 -10.02 2.19 -9.04
CA THR C 109 -9.43 0.87 -8.93
C THR C 109 -8.20 0.81 -9.80
N SER C 110 -7.29 -0.11 -9.43
CA SER C 110 -6.13 -0.35 -10.26
C SER C 110 -5.67 -1.79 -10.12
N SER C 111 -5.04 -2.28 -11.20
CA SER C 111 -4.34 -3.56 -11.07
C SER C 111 -3.09 -3.36 -10.21
N ASN C 112 -2.56 -2.14 -10.21
CA ASN C 112 -1.38 -1.80 -9.44
C ASN C 112 -1.77 -1.26 -8.06
N ILE C 113 -1.52 -2.05 -7.01
CA ILE C 113 -1.97 -1.68 -5.67
C ILE C 113 -1.31 -0.38 -5.19
N ASN C 114 -0.23 0.07 -5.86
CA ASN C 114 0.46 1.28 -5.44
C ASN C 114 0.17 2.44 -6.39
N HIS C 115 -0.90 2.30 -7.18
CA HIS C 115 -1.30 3.35 -8.08
C HIS C 115 -1.64 4.60 -7.27
N VAL C 116 -1.34 5.77 -7.84
CA VAL C 116 -1.78 7.05 -7.29
C VAL C 116 -3.27 6.94 -6.99
N THR C 117 -3.73 7.51 -5.86
CA THR C 117 -5.12 7.25 -5.47
C THR C 117 -6.06 8.28 -6.08
N TYR C 118 -5.55 9.17 -6.94
CA TYR C 118 -6.39 10.21 -7.49
C TYR C 118 -6.81 9.84 -8.91
N SER C 119 -6.40 8.67 -9.38
CA SER C 119 -6.88 8.12 -10.63
C SER C 119 -6.71 6.61 -10.58
N GLY C 120 -7.05 5.91 -11.68
CA GLY C 120 -7.03 4.45 -11.65
C GLY C 120 -7.15 3.89 -13.05
N ASP C 121 -7.08 2.56 -13.18
CA ASP C 121 -7.48 1.90 -14.42
C ASP C 121 -8.97 2.16 -14.61
N TYR C 122 -9.74 2.08 -13.51
CA TYR C 122 -11.14 2.38 -13.59
C TYR C 122 -11.49 3.42 -12.52
N GLU C 123 -12.56 4.15 -12.82
CA GLU C 123 -13.17 5.08 -11.89
C GLU C 123 -14.66 4.79 -11.84
N LEU C 124 -15.20 4.78 -10.60
CA LEU C 124 -16.62 4.69 -10.36
C LEU C 124 -17.04 5.99 -9.67
N MET C 125 -17.98 6.74 -10.29
CA MET C 125 -18.61 7.87 -9.64
C MET C 125 -20.08 7.55 -9.44
N ILE C 126 -20.63 7.98 -8.30
CA ILE C 126 -22.06 7.92 -8.08
C ILE C 126 -22.50 9.36 -7.78
N TRP C 127 -23.18 9.99 -8.75
CA TRP C 127 -23.69 11.35 -8.63
C TRP C 127 -25.00 11.31 -7.88
N LEU C 128 -24.97 11.65 -6.58
CA LEU C 128 -26.18 11.75 -5.78
C LEU C 128 -26.99 13.00 -6.17
N GLY C 129 -26.32 13.97 -6.81
CA GLY C 129 -26.95 15.22 -7.19
C GLY C 129 -26.24 15.82 -8.39
N ARG C 130 -27.02 16.33 -9.35
CA ARG C 130 -26.49 17.01 -10.51
CA ARG C 130 -26.47 17.01 -10.51
C ARG C 130 -27.26 18.31 -10.69
N TYR C 131 -26.54 19.43 -10.76
CA TYR C 131 -27.15 20.73 -10.91
C TYR C 131 -26.55 21.38 -12.15
N GLY C 132 -27.40 21.89 -13.03
CA GLY C 132 -26.91 22.49 -14.27
C GLY C 132 -26.75 21.41 -15.33
N SER C 133 -26.64 21.83 -16.59
CA SER C 133 -26.58 20.82 -17.64
C SER C 133 -25.14 20.36 -17.84
N ILE C 134 -24.64 19.68 -16.81
CA ILE C 134 -23.33 19.07 -16.88
C ILE C 134 -23.55 17.59 -17.13
N GLN C 135 -22.50 16.90 -17.59
CA GLN C 135 -22.66 15.46 -17.74
C GLN C 135 -21.37 14.74 -17.39
N PRO C 136 -21.45 13.43 -17.05
CA PRO C 136 -20.25 12.63 -16.80
C PRO C 136 -19.41 12.56 -18.07
N ILE C 137 -18.16 12.12 -17.91
CA ILE C 137 -17.27 11.68 -18.97
C ILE C 137 -18.04 10.65 -19.81
N GLY C 138 -17.93 10.77 -21.14
CA GLY C 138 -18.40 9.71 -22.02
C GLY C 138 -19.84 9.95 -22.45
N SER C 139 -20.58 8.84 -22.64
CA SER C 139 -21.99 8.93 -22.95
C SER C 139 -22.77 7.94 -22.09
N GLN C 140 -24.08 8.11 -22.06
CA GLN C 140 -24.91 7.21 -21.28
C GLN C 140 -25.04 5.89 -22.04
N ILE C 141 -24.80 4.76 -21.37
CA ILE C 141 -24.82 3.48 -22.08
C ILE C 141 -25.93 2.58 -21.58
N ALA C 142 -26.61 2.97 -20.50
CA ALA C 142 -27.61 2.08 -19.92
C ALA C 142 -28.32 2.82 -18.79
N THR C 143 -29.30 2.13 -18.21
CA THR C 143 -30.03 2.55 -17.03
C THR C 143 -29.97 1.37 -16.07
N ALA C 144 -29.89 1.62 -14.78
CA ALA C 144 -29.79 0.52 -13.83
C ALA C 144 -30.57 0.86 -12.57
N THR C 145 -31.15 -0.16 -11.96
CA THR C 145 -31.79 0.03 -10.65
C THR C 145 -30.86 -0.52 -9.59
N ILE C 146 -30.37 0.35 -8.71
CA ILE C 146 -29.39 -0.06 -7.71
C ILE C 146 -29.66 0.75 -6.45
N ALA C 147 -29.58 0.06 -5.31
CA ALA C 147 -29.71 0.68 -4.01
C ALA C 147 -31.10 1.28 -3.85
N GLY C 148 -32.07 0.80 -4.62
CA GLY C 148 -33.44 1.31 -4.54
C GLY C 148 -33.68 2.56 -5.38
N TYR C 149 -32.76 2.90 -6.31
CA TYR C 149 -32.96 4.07 -7.18
C TYR C 149 -32.65 3.72 -8.63
N THR C 150 -33.05 4.58 -9.55
CA THR C 150 -32.75 4.40 -10.96
C THR C 150 -31.62 5.35 -11.33
N TRP C 151 -30.64 4.87 -12.09
CA TRP C 151 -29.46 5.65 -12.43
C TRP C 151 -29.32 5.68 -13.93
N GLU C 152 -28.91 6.83 -14.47
CA GLU C 152 -28.28 6.78 -15.78
C GLU C 152 -26.88 6.20 -15.61
N VAL C 153 -26.49 5.29 -16.52
CA VAL C 153 -25.18 4.67 -16.46
C VAL C 153 -24.34 5.24 -17.60
N TRP C 154 -23.28 5.95 -17.25
CA TRP C 154 -22.42 6.62 -18.21
C TRP C 154 -21.07 5.92 -18.24
N TYR C 155 -20.41 5.96 -19.40
CA TYR C 155 -19.11 5.35 -19.55
C TYR C 155 -18.33 6.13 -20.57
N GLY C 156 -17.04 6.27 -20.31
CA GLY C 156 -16.11 6.86 -21.25
C GLY C 156 -14.72 6.93 -20.62
N GLY C 157 -13.84 7.67 -21.29
CA GLY C 157 -12.48 7.81 -20.81
C GLY C 157 -11.52 7.45 -21.93
N SER C 158 -10.42 6.80 -21.55
CA SER C 158 -9.44 6.28 -22.49
C SER C 158 -8.79 5.04 -21.88
N SER C 159 -7.82 4.48 -22.60
CA SER C 159 -7.08 3.31 -22.15
C SER C 159 -6.50 3.52 -20.76
N SER C 160 -6.06 4.76 -20.45
CA SER C 160 -5.44 4.93 -19.15
C SER C 160 -6.48 4.98 -18.02
N GLN C 161 -7.74 5.35 -18.33
CA GLN C 161 -8.75 5.34 -17.27
C GLN C 161 -10.16 5.31 -17.84
N TRP C 162 -10.90 4.28 -17.44
CA TRP C 162 -12.31 4.21 -17.81
C TRP C 162 -13.13 4.62 -16.60
N THR C 163 -14.13 5.47 -16.84
CA THR C 163 -14.99 5.96 -15.79
C THR C 163 -16.42 5.48 -16.03
N TYR C 164 -16.99 4.81 -15.03
CA TYR C 164 -18.42 4.58 -14.96
C TYR C 164 -18.99 5.63 -14.01
N SER C 165 -20.01 6.37 -14.48
CA SER C 165 -20.73 7.31 -13.63
C SER C 165 -22.21 6.90 -13.53
N TYR C 166 -22.71 6.67 -12.32
CA TYR C 166 -24.12 6.40 -12.07
C TYR C 166 -24.79 7.70 -11.61
N VAL C 167 -25.80 8.17 -12.36
CA VAL C 167 -26.28 9.54 -12.17
C VAL C 167 -27.73 9.53 -11.72
N ALA C 168 -28.00 10.22 -10.60
CA ALA C 168 -29.36 10.35 -10.06
C ALA C 168 -30.03 11.50 -10.80
N SER C 169 -31.27 11.30 -11.25
CA SER C 169 -32.04 12.31 -11.93
C SER C 169 -32.36 13.47 -11.01
N SER C 170 -32.99 13.13 -9.89
CA SER C 170 -33.27 14.16 -8.91
C SER C 170 -32.39 13.90 -7.69
N PRO C 171 -31.93 14.95 -6.98
CA PRO C 171 -30.94 14.77 -5.91
C PRO C 171 -31.35 13.81 -4.81
N ILE C 172 -30.42 12.93 -4.39
CA ILE C 172 -30.64 12.07 -3.24
C ILE C 172 -29.82 12.66 -2.10
N THR C 173 -30.48 13.46 -1.27
CA THR C 173 -29.74 14.21 -0.24
C THR C 173 -29.60 13.36 1.01
N SER C 174 -30.31 12.24 0.99
CA SER C 174 -30.21 11.32 2.11
C SER C 174 -30.06 9.89 1.57
N PHE C 175 -28.82 9.43 1.50
CA PHE C 175 -28.48 8.22 0.76
C PHE C 175 -27.88 7.19 1.69
N SER C 176 -28.32 5.95 1.53
CA SER C 176 -27.77 4.79 2.19
C SER C 176 -27.73 3.66 1.19
N GLY C 177 -26.58 3.01 1.06
CA GLY C 177 -26.53 1.87 0.18
C GLY C 177 -25.20 1.16 0.28
N ASP C 178 -25.05 0.17 -0.58
CA ASP C 178 -23.83 -0.58 -0.64
C ASP C 178 -23.15 -0.29 -1.98
N ILE C 179 -21.95 0.27 -1.95
CA ILE C 179 -21.27 0.60 -3.19
C ILE C 179 -20.91 -0.66 -3.99
N ILE C 180 -20.84 -1.81 -3.28
CA ILE C 180 -20.43 -3.03 -3.98
C ILE C 180 -21.47 -3.35 -5.05
N ASP C 181 -22.74 -2.98 -4.81
CA ASP C 181 -23.81 -3.23 -5.78
C ASP C 181 -23.54 -2.53 -7.10
N PHE C 182 -22.93 -1.36 -7.04
CA PHE C 182 -22.54 -0.67 -8.26
C PHE C 182 -21.40 -1.42 -8.93
N PHE C 183 -20.44 -1.91 -8.13
CA PHE C 183 -19.38 -2.71 -8.70
C PHE C 183 -19.94 -3.96 -9.35
N HIS C 184 -20.92 -4.59 -8.68
CA HIS C 184 -21.54 -5.79 -9.22
C HIS C 184 -22.15 -5.49 -10.59
N ASP C 185 -22.87 -4.36 -10.66
CA ASP C 185 -23.48 -3.93 -11.91
C ASP C 185 -22.39 -3.83 -12.98
N MET C 186 -21.26 -3.23 -12.63
CA MET C 186 -20.19 -3.06 -13.59
C MET C 186 -19.62 -4.41 -14.02
N THR C 187 -19.58 -5.37 -13.08
CA THR C 187 -18.97 -6.67 -13.31
C THR C 187 -19.90 -7.50 -14.19
N ASN C 188 -21.15 -7.64 -13.75
CA ASN C 188 -22.17 -8.47 -14.37
C ASN C 188 -22.54 -7.93 -15.75
N ASN C 189 -22.65 -6.61 -15.89
CA ASN C 189 -23.26 -6.08 -17.11
C ASN C 189 -22.25 -5.38 -18.00
N HIS C 190 -21.06 -5.07 -17.48
CA HIS C 190 -20.12 -4.28 -18.26
C HIS C 190 -18.72 -4.89 -18.26
N GLY C 191 -18.60 -6.11 -17.70
CA GLY C 191 -17.36 -6.87 -17.78
C GLY C 191 -16.21 -6.28 -16.98
N PHE C 192 -16.50 -5.52 -15.93
CA PHE C 192 -15.44 -4.94 -15.14
C PHE C 192 -14.63 -6.04 -14.44
N PRO C 193 -13.28 -6.04 -14.63
CA PRO C 193 -12.43 -7.12 -14.12
C PRO C 193 -12.22 -7.08 -12.62
N ALA C 194 -13.28 -7.36 -11.85
CA ALA C 194 -13.28 -7.19 -10.39
C ALA C 194 -12.15 -7.95 -9.72
N SER C 195 -11.74 -9.07 -10.30
CA SER C 195 -10.83 -9.91 -9.54
C SER C 195 -9.38 -9.51 -9.85
N SER C 196 -9.17 -8.55 -10.76
CA SER C 196 -7.82 -8.07 -10.97
C SER C 196 -7.70 -6.55 -10.77
N GLN C 197 -8.65 -5.97 -10.00
CA GLN C 197 -8.65 -4.54 -9.75
C GLN C 197 -8.82 -4.32 -8.25
N TYR C 198 -7.81 -3.66 -7.66
CA TYR C 198 -7.84 -3.29 -6.26
C TYR C 198 -8.63 -2.01 -6.14
N LEU C 199 -9.49 -1.95 -5.11
CA LEU C 199 -10.09 -0.68 -4.71
C LEU C 199 -9.04 0.16 -4.00
N ILE C 200 -8.69 1.33 -4.56
CA ILE C 200 -7.57 2.11 -4.05
C ILE C 200 -8.03 3.45 -3.45
N ASP C 201 -9.32 3.80 -3.56
CA ASP C 201 -9.73 5.14 -3.19
C ASP C 201 -11.24 5.19 -3.04
N LEU C 202 -11.73 5.94 -2.06
CA LEU C 202 -13.17 6.05 -1.81
C LEU C 202 -13.40 7.42 -1.17
N GLN C 203 -13.99 8.32 -1.97
CA GLN C 203 -14.19 9.71 -1.59
C GLN C 203 -15.64 10.11 -1.86
N PHE C 204 -16.09 11.18 -1.19
CA PHE C 204 -17.38 11.78 -1.43
C PHE C 204 -17.23 13.29 -1.39
N GLY C 205 -17.82 13.97 -2.37
CA GLY C 205 -17.64 15.40 -2.42
C GLY C 205 -18.40 16.01 -3.59
N THR C 206 -17.87 17.14 -4.09
CA THR C 206 -18.58 17.91 -5.10
C THR C 206 -17.61 18.39 -6.16
N GLU C 207 -18.05 18.32 -7.41
CA GLU C 207 -17.29 18.88 -8.52
C GLU C 207 -18.02 20.14 -8.97
N PRO C 208 -17.48 21.33 -8.68
CA PRO C 208 -18.02 22.57 -9.24
C PRO C 208 -17.46 22.86 -10.63
N PHE C 209 -18.34 23.41 -11.48
CA PHE C 209 -18.00 23.98 -12.77
C PHE C 209 -18.02 25.51 -12.68
N THR C 210 -19.22 26.08 -12.47
CA THR C 210 -19.42 27.52 -12.30
C THR C 210 -20.58 27.78 -11.36
N GLY C 211 -20.62 28.99 -10.80
CA GLY C 211 -21.69 29.44 -9.94
C GLY C 211 -21.17 29.83 -8.56
N GLY C 212 -22.12 30.23 -7.69
CA GLY C 212 -21.82 30.45 -6.29
C GLY C 212 -21.98 31.93 -5.93
N PRO C 213 -21.76 32.31 -4.65
CA PRO C 213 -21.32 31.35 -3.64
C PRO C 213 -22.41 30.30 -3.39
N THR C 214 -21.98 29.06 -3.11
CA THR C 214 -22.88 28.04 -2.64
C THR C 214 -22.12 27.25 -1.58
N THR C 215 -22.88 26.63 -0.67
CA THR C 215 -22.30 25.81 0.37
C THR C 215 -22.91 24.41 0.31
N LEU C 216 -22.04 23.39 0.15
CA LEU C 216 -22.42 22.02 0.38
C LEU C 216 -22.18 21.69 1.84
N THR C 217 -23.25 21.30 2.55
CA THR C 217 -23.11 20.82 3.91
C THR C 217 -23.27 19.32 3.86
N VAL C 218 -22.24 18.61 4.35
CA VAL C 218 -22.37 17.18 4.52
C VAL C 218 -22.50 16.93 6.02
N SER C 219 -23.76 16.80 6.46
CA SER C 219 -24.06 16.65 7.88
C SER C 219 -23.64 15.27 8.37
N SER C 220 -23.47 14.33 7.44
CA SER C 220 -22.97 13.03 7.87
C SER C 220 -22.46 12.25 6.67
N TRP C 221 -21.23 11.75 6.77
CA TRP C 221 -20.72 10.83 5.77
C TRP C 221 -19.99 9.67 6.46
N SER C 222 -20.14 8.48 5.88
CA SER C 222 -19.71 7.20 6.43
C SER C 222 -19.38 6.30 5.27
N ALA C 223 -18.30 5.52 5.38
CA ALA C 223 -18.12 4.38 4.51
C ALA C 223 -17.24 3.37 5.24
N SER C 224 -17.42 2.09 4.90
CA SER C 224 -16.38 1.13 5.20
C SER C 224 -16.32 0.11 4.08
N VAL C 225 -15.18 -0.55 3.98
CA VAL C 225 -14.96 -1.62 3.03
C VAL C 225 -14.82 -2.93 3.84
N ASN C 226 -15.84 -3.79 3.80
CA ASN C 226 -15.80 -5.04 4.56
C ASN C 226 -15.43 -6.21 3.65
N LEU C 227 -14.32 -6.88 4.02
CA LEU C 227 -13.79 -8.02 3.30
C LEU C 227 -14.69 -9.23 3.57
#